data_2QY0
#
_entry.id   2QY0
#
_cell.length_a   74.541
_cell.length_b   92.416
_cell.length_c   162.848
_cell.angle_alpha   90.00
_cell.angle_beta   90.00
_cell.angle_gamma   90.00
#
_symmetry.space_group_name_H-M   'P 21 21 21'
#
loop_
_entity.id
_entity.type
_entity.pdbx_description
1 polymer 'Complement C1r subcomponent'
2 polymer 'Complement C1r subcomponent'
3 non-polymer GLYCEROL
4 water water
#
loop_
_entity_poly.entity_id
_entity_poly.type
_entity_poly.pdbx_seq_one_letter_code
_entity_poly.pdbx_strand_id
1 'polypeptide(L)'
;STQACPQPKTLDEFTIIQNLQPQYQFRDYFIATCKQGYQLIEGNQVLHSFTAVCQDDGTWHRAMPRCKIKDCGQPRNLPN
GDFRYTTTMGVNTYKARIQYYCHEPYYKMQTRAGSRESEQGVYTCTAQGIWKNEQKGEKIPRCLPVCGKPVNPVEQRQR
;
A,C
2 'polypeptide(L)'
;IIGGQKAKMGNFPWQVFTNIHGRGGGALLGDRWILTAAHTLYPKEHEAQSNASLDVFLGHTNVEELMKLGNHPIRRVSVH
PDYRQDESYNFEGDIALLELENSVTLGPNLLPICLPDNDTFYDLGLMGYVSGFGVMEEKIAHDLRFVRLPVANPQACENW
LRGKNRMDVFSQNMFCAGHPSLKQDACQGDSGGVFAVRDPNTDRWVATGIVSWGIGCSRGYGFYTKVLNYVDWIKKEMEE
ED
;
B,D
#
loop_
_chem_comp.id
_chem_comp.type
_chem_comp.name
_chem_comp.formula
GOL non-polymer GLYCEROL 'C3 H8 O3'
#
# COMPACT_ATOMS: atom_id res chain seq x y z
N GLN A 3 -24.13 43.15 -25.12
CA GLN A 3 -23.36 42.71 -23.93
C GLN A 3 -22.55 41.43 -24.22
N ALA A 4 -21.76 41.44 -25.29
CA ALA A 4 -21.12 40.24 -25.81
C ALA A 4 -19.65 40.10 -25.52
N CYS A 5 -19.16 38.85 -25.55
CA CYS A 5 -17.80 38.51 -25.24
C CYS A 5 -17.02 38.08 -26.47
N PRO A 6 -15.69 38.33 -26.52
CA PRO A 6 -14.85 37.98 -27.63
C PRO A 6 -14.90 36.46 -27.89
N GLN A 7 -14.76 36.07 -29.16
CA GLN A 7 -14.68 34.64 -29.49
C GLN A 7 -13.46 34.02 -28.76
N PRO A 8 -13.63 32.78 -28.27
CA PRO A 8 -12.54 32.15 -27.50
C PRO A 8 -11.31 31.89 -28.31
N LYS A 9 -10.18 32.01 -27.63
CA LYS A 9 -8.88 32.06 -28.30
CA LYS A 9 -8.87 32.10 -28.19
C LYS A 9 -7.96 30.93 -27.86
N THR A 10 -7.74 29.99 -28.81
CA THR A 10 -6.85 28.84 -28.58
C THR A 10 -5.36 29.24 -28.75
N LEU A 11 -4.58 29.10 -27.67
CA LEU A 11 -3.16 29.45 -27.69
C LEU A 11 -2.24 28.26 -28.10
N ASP A 12 -2.80 27.08 -28.30
CA ASP A 12 -2.05 25.97 -28.87
C ASP A 12 -2.94 24.86 -29.45
N GLU A 13 -2.29 23.97 -30.19
CA GLU A 13 -2.96 22.85 -30.91
C GLU A 13 -3.53 21.79 -29.97
N PHE A 14 -3.11 21.80 -28.70
CA PHE A 14 -3.49 20.76 -27.73
C PHE A 14 -4.66 21.18 -26.85
N THR A 15 -5.11 22.42 -27.02
CA THR A 15 -6.25 22.94 -26.26
C THR A 15 -7.53 22.68 -27.05
N ILE A 16 -8.54 22.13 -26.35
CA ILE A 16 -9.87 21.86 -26.91
C ILE A 16 -10.92 22.72 -26.18
N ILE A 17 -11.81 23.37 -26.94
CA ILE A 17 -12.92 24.08 -26.36
C ILE A 17 -14.20 23.26 -26.60
N GLN A 18 -14.79 22.73 -25.53
CA GLN A 18 -15.96 21.89 -25.63
C GLN A 18 -17.16 22.71 -26.01
N ASN A 19 -17.79 22.32 -27.12
CA ASN A 19 -19.01 22.97 -27.62
C ASN A 19 -18.81 24.47 -27.74
N LEU A 20 -18.00 24.84 -28.76
CA LEU A 20 -17.76 26.26 -29.05
C LEU A 20 -19.08 26.86 -29.57
N GLN A 21 -19.37 28.10 -29.14
CA GLN A 21 -20.54 28.81 -29.58
C GLN A 21 -20.13 29.86 -30.61
N PRO A 22 -21.03 30.15 -31.58
CA PRO A 22 -20.82 31.33 -32.38
C PRO A 22 -20.80 32.63 -31.55
N GLN A 23 -21.92 32.96 -30.87
CA GLN A 23 -22.00 34.13 -30.00
C GLN A 23 -21.80 33.67 -28.55
N TYR A 24 -21.23 34.57 -27.72
CA TYR A 24 -21.09 34.37 -26.28
C TYR A 24 -21.57 35.63 -25.56
N GLN A 25 -22.44 35.41 -24.58
CA GLN A 25 -23.17 36.51 -23.92
C GLN A 25 -22.96 36.42 -22.40
N PHE A 26 -23.30 37.51 -21.72
CA PHE A 26 -23.29 37.57 -20.24
C PHE A 26 -23.95 36.32 -19.65
N ARG A 27 -23.27 35.75 -18.62
CA ARG A 27 -23.75 34.56 -17.88
C ARG A 27 -23.45 33.20 -18.56
N ASP A 28 -23.03 33.26 -19.83
CA ASP A 28 -22.58 32.08 -20.55
C ASP A 28 -21.17 31.73 -20.15
N TYR A 29 -20.68 30.57 -20.60
CA TYR A 29 -19.37 30.09 -20.17
C TYR A 29 -18.76 29.17 -21.17
N PHE A 30 -17.47 28.88 -21.03
CA PHE A 30 -16.87 27.74 -21.78
C PHE A 30 -15.88 26.96 -20.97
N ILE A 31 -15.74 25.69 -21.34
CA ILE A 31 -14.75 24.81 -20.71
C ILE A 31 -13.63 24.50 -21.68
N ALA A 32 -12.40 24.52 -21.13
CA ALA A 32 -11.20 24.14 -21.91
C ALA A 32 -10.66 22.83 -21.36
N THR A 33 -10.39 21.89 -22.26
CA THR A 33 -9.68 20.66 -21.92
C THR A 33 -8.50 20.45 -22.90
N CYS A 34 -7.78 19.37 -22.70
CA CYS A 34 -6.61 19.08 -23.55
C CYS A 34 -6.79 17.73 -24.22
N LYS A 35 -6.00 17.46 -25.25
CA LYS A 35 -6.00 16.14 -25.89
C LYS A 35 -5.32 15.14 -24.96
N GLN A 36 -5.61 13.87 -25.23
CA GLN A 36 -5.07 12.77 -24.47
C GLN A 36 -3.57 12.94 -24.29
N GLY A 37 -3.15 13.11 -23.02
CA GLY A 37 -1.74 13.22 -22.65
C GLY A 37 -1.27 14.58 -22.18
N TYR A 38 -2.09 15.59 -22.34
CA TYR A 38 -1.67 16.97 -22.04
C TYR A 38 -2.53 17.55 -20.90
N GLN A 39 -1.94 18.47 -20.12
CA GLN A 39 -2.60 19.10 -18.94
C GLN A 39 -2.61 20.63 -19.02
N LEU A 40 -3.71 21.19 -18.49
CA LEU A 40 -3.91 22.64 -18.45
C LEU A 40 -2.89 23.35 -17.56
N ILE A 41 -2.30 24.42 -18.10
CA ILE A 41 -1.32 25.22 -17.36
C ILE A 41 -1.69 26.70 -17.32
N GLU A 42 -1.49 27.32 -16.16
CA GLU A 42 -1.71 28.78 -15.98
C GLU A 42 -0.61 29.32 -15.08
N GLY A 43 0.27 30.15 -15.63
CA GLY A 43 1.53 30.48 -14.98
C GLY A 43 2.41 29.24 -15.05
N ASN A 44 3.04 28.86 -13.96
CA ASN A 44 3.75 27.59 -13.87
C ASN A 44 2.97 26.56 -12.99
N GLN A 45 1.61 26.63 -13.09
CA GLN A 45 0.74 25.81 -12.24
CA GLN A 45 0.74 25.81 -12.24
C GLN A 45 -0.17 24.88 -13.07
N VAL A 46 -0.28 23.64 -12.63
CA VAL A 46 -1.22 22.67 -13.22
C VAL A 46 -2.66 22.92 -12.75
N LEU A 47 -3.61 22.81 -13.66
CA LEU A 47 -5.05 22.89 -13.32
C LEU A 47 -5.75 21.60 -13.67
N HIS A 48 -6.74 21.23 -12.83
CA HIS A 48 -7.61 20.09 -13.12
C HIS A 48 -8.70 20.39 -14.14
N SER A 49 -9.09 21.65 -14.24
CA SER A 49 -10.14 22.03 -15.15
C SER A 49 -10.05 23.50 -15.45
N PHE A 50 -10.80 23.95 -16.45
CA PHE A 50 -10.89 25.40 -16.73
C PHE A 50 -12.26 25.84 -17.23
N THR A 51 -12.86 26.74 -16.46
CA THR A 51 -14.09 27.42 -16.88
C THR A 51 -13.87 28.94 -16.94
N ALA A 52 -14.33 29.54 -18.02
CA ALA A 52 -14.27 31.00 -18.22
C ALA A 52 -15.71 31.53 -18.39
N VAL A 53 -16.11 32.39 -17.46
CA VAL A 53 -17.45 32.99 -17.46
C VAL A 53 -17.43 34.34 -18.16
N CYS A 54 -18.42 34.59 -18.99
CA CYS A 54 -18.57 35.88 -19.68
C CYS A 54 -19.26 36.85 -18.76
N GLN A 55 -18.55 37.91 -18.36
CA GLN A 55 -19.07 38.89 -17.36
C GLN A 55 -19.95 39.97 -18.02
N ASP A 56 -20.51 40.87 -17.18
CA ASP A 56 -21.53 41.81 -17.65
C ASP A 56 -20.99 43.01 -18.43
N ASP A 57 -19.66 43.19 -18.36
CA ASP A 57 -18.97 44.26 -19.08
C ASP A 57 -18.50 43.78 -20.47
N GLY A 58 -18.65 42.51 -20.80
CA GLY A 58 -18.17 41.94 -22.07
C GLY A 58 -16.84 41.20 -21.94
N THR A 59 -16.30 41.10 -20.75
CA THR A 59 -14.96 40.53 -20.58
C THR A 59 -15.03 39.14 -19.93
N TRP A 60 -14.22 38.22 -20.46
CA TRP A 60 -14.10 36.89 -19.88
C TRP A 60 -13.46 37.07 -18.50
N HIS A 61 -13.96 36.33 -17.50
CA HIS A 61 -13.43 36.53 -16.16
C HIS A 61 -12.04 35.95 -16.03
N ARG A 62 -11.60 35.16 -17.01
CA ARG A 62 -10.36 34.45 -16.88
C ARG A 62 -9.64 34.30 -18.22
N ALA A 63 -8.31 34.35 -18.18
CA ALA A 63 -7.48 34.30 -19.34
C ALA A 63 -7.21 32.83 -19.73
N MET A 64 -7.41 32.53 -21.03
CA MET A 64 -7.17 31.17 -21.54
C MET A 64 -5.86 30.58 -21.06
N PRO A 65 -5.91 29.34 -20.57
CA PRO A 65 -4.69 28.67 -20.17
C PRO A 65 -3.99 28.06 -21.36
N ARG A 66 -2.96 27.25 -21.07
CA ARG A 66 -2.27 26.47 -22.12
C ARG A 66 -2.44 25.00 -21.82
N CYS A 67 -2.15 24.16 -22.80
CA CYS A 67 -2.05 22.72 -22.61
C CYS A 67 -0.65 22.29 -22.99
N LYS A 68 0.04 21.63 -22.03
CA LYS A 68 1.38 21.12 -22.23
C LYS A 68 1.46 19.63 -21.83
N ILE A 69 2.45 18.94 -22.36
CA ILE A 69 2.58 17.50 -22.28
C ILE A 69 2.66 17.05 -20.81
N LYS A 70 1.96 15.99 -20.44
CA LYS A 70 2.06 15.44 -19.07
C LYS A 70 3.47 14.82 -18.84
N ASP A 71 3.81 14.69 -17.57
CA ASP A 71 5.12 14.16 -17.14
C ASP A 71 4.91 13.22 -15.96
N CYS A 72 5.20 11.90 -16.19
CA CYS A 72 5.00 10.87 -15.19
C CYS A 72 6.06 10.92 -14.10
N GLY A 73 7.05 11.81 -14.26
CA GLY A 73 8.09 11.92 -13.25
C GLY A 73 9.15 10.85 -13.40
N GLN A 74 10.09 10.79 -12.47
CA GLN A 74 11.10 9.74 -12.43
C GLN A 74 10.39 8.43 -12.06
N PRO A 75 10.55 7.38 -12.87
CA PRO A 75 10.02 6.08 -12.48
C PRO A 75 10.45 5.67 -11.06
N ARG A 76 9.61 4.97 -10.34
CA ARG A 76 9.97 4.56 -8.97
C ARG A 76 11.14 3.55 -8.99
N ASN A 77 11.92 3.56 -7.93
CA ASN A 77 13.03 2.64 -7.77
C ASN A 77 12.50 1.21 -7.61
N LEU A 78 13.26 0.27 -8.15
CA LEU A 78 12.95 -1.14 -8.12
C LEU A 78 13.97 -1.81 -7.24
N PRO A 79 13.58 -2.15 -5.98
CA PRO A 79 14.55 -2.79 -5.09
C PRO A 79 15.18 -4.03 -5.76
N ASN A 80 16.52 -4.04 -5.85
CA ASN A 80 17.29 -5.11 -6.50
C ASN A 80 17.09 -5.24 -8.03
N GLY A 81 16.73 -4.14 -8.66
CA GLY A 81 16.62 -4.04 -10.11
C GLY A 81 16.95 -2.61 -10.59
N ASP A 82 16.66 -2.36 -11.84
CA ASP A 82 16.84 -1.03 -12.41
C ASP A 82 15.89 -0.96 -13.59
N PHE A 83 15.92 0.15 -14.32
CA PHE A 83 15.21 0.28 -15.59
C PHE A 83 16.10 0.89 -16.63
N ARG A 84 15.76 0.67 -17.88
CA ARG A 84 16.39 1.39 -19.01
C ARG A 84 15.27 1.91 -19.91
N TYR A 85 15.50 3.06 -20.53
CA TYR A 85 14.56 3.65 -21.47
C TYR A 85 14.62 2.92 -22.82
N THR A 86 13.43 2.53 -23.34
CA THR A 86 13.26 2.10 -24.75
C THR A 86 13.14 3.35 -25.61
N THR A 87 12.98 4.50 -24.96
CA THR A 87 12.62 5.75 -25.59
C THR A 87 13.73 6.76 -25.27
N THR A 88 13.63 8.02 -25.75
CA THR A 88 14.62 9.04 -25.50
C THR A 88 15.02 9.09 -24.02
N MET A 89 16.32 8.93 -23.74
CA MET A 89 16.90 8.88 -22.39
C MET A 89 16.47 9.99 -21.47
N GLY A 90 15.89 9.64 -20.31
CA GLY A 90 15.57 10.64 -19.28
C GLY A 90 14.32 11.46 -19.57
N VAL A 91 13.62 11.12 -20.65
CA VAL A 91 12.36 11.76 -21.01
C VAL A 91 11.23 10.97 -20.39
N ASN A 92 10.54 11.62 -19.45
CA ASN A 92 9.40 11.00 -18.75
C ASN A 92 8.06 11.57 -19.15
N THR A 93 7.90 11.94 -20.42
CA THR A 93 6.66 12.55 -20.89
C THR A 93 5.74 11.52 -21.51
N TYR A 94 4.51 11.95 -21.79
CA TYR A 94 3.48 11.08 -22.41
C TYR A 94 4.06 10.22 -23.53
N LYS A 95 3.73 8.92 -23.46
CA LYS A 95 4.19 7.89 -24.44
C LYS A 95 5.66 7.40 -24.29
N ALA A 96 6.38 7.93 -23.27
CA ALA A 96 7.73 7.44 -22.94
C ALA A 96 7.63 6.01 -22.43
N ARG A 97 8.65 5.20 -22.75
CA ARG A 97 8.64 3.75 -22.37
C ARG A 97 9.95 3.34 -21.64
N ILE A 98 9.78 2.68 -20.52
CA ILE A 98 10.92 2.04 -19.84
C ILE A 98 10.72 0.55 -19.75
N GLN A 99 11.84 -0.14 -19.54
CA GLN A 99 11.82 -1.58 -19.21
C GLN A 99 12.58 -1.79 -17.92
N TYR A 100 11.86 -2.28 -16.91
CA TYR A 100 12.47 -2.67 -15.66
C TYR A 100 13.17 -4.03 -15.84
N TYR A 101 14.26 -4.24 -15.15
CA TYR A 101 14.90 -5.55 -15.06
C TYR A 101 15.42 -5.74 -13.65
N CYS A 102 15.57 -6.99 -13.27
CA CYS A 102 16.23 -7.31 -11.99
C CYS A 102 17.70 -7.59 -12.19
N HIS A 103 18.46 -7.49 -11.09
CA HIS A 103 19.85 -7.87 -11.06
C HIS A 103 19.97 -9.39 -11.17
N GLU A 104 20.11 -9.87 -12.39
CA GLU A 104 20.30 -11.30 -12.63
C GLU A 104 21.81 -11.60 -12.51
N PRO A 105 22.17 -12.87 -12.19
CA PRO A 105 21.35 -14.07 -11.89
C PRO A 105 20.97 -14.14 -10.41
N TYR A 106 21.22 -13.08 -9.66
CA TYR A 106 21.06 -13.10 -8.22
C TYR A 106 19.58 -12.88 -7.83
N TYR A 107 18.90 -12.14 -8.67
CA TYR A 107 17.47 -11.87 -8.50
C TYR A 107 16.75 -12.20 -9.79
N LYS A 108 15.46 -12.51 -9.70
CA LYS A 108 14.60 -12.84 -10.83
C LYS A 108 13.28 -12.17 -10.65
N MET A 109 12.77 -11.59 -11.74
CA MET A 109 11.48 -10.88 -11.75
C MET A 109 10.31 -11.85 -11.54
N GLN A 110 9.41 -11.47 -10.64
CA GLN A 110 8.18 -12.26 -10.39
C GLN A 110 7.23 -12.16 -11.57
N THR A 111 6.58 -13.29 -11.92
CA THR A 111 5.84 -13.42 -13.18
C THR A 111 4.40 -13.97 -13.13
N ARG A 112 3.67 -13.66 -14.19
CA ARG A 112 2.26 -14.06 -14.47
C ARG A 112 1.24 -13.11 -13.86
N ARG A 116 0.13 -14.39 -17.91
CA ARG A 116 0.70 -13.54 -18.93
C ARG A 116 2.11 -14.01 -19.27
N GLU A 117 3.05 -13.08 -19.41
CA GLU A 117 4.47 -13.47 -19.55
C GLU A 117 5.30 -12.44 -20.33
N SER A 118 6.56 -12.82 -20.55
CA SER A 118 7.67 -11.89 -20.75
C SER A 118 7.81 -10.93 -21.94
N GLU A 119 6.82 -10.07 -22.16
CA GLU A 119 7.08 -8.68 -22.64
C GLU A 119 7.07 -7.98 -21.33
N GLN A 120 8.13 -8.22 -20.58
CA GLN A 120 8.02 -8.47 -19.12
C GLN A 120 7.75 -7.27 -18.18
N GLY A 121 8.68 -6.33 -18.14
CA GLY A 121 8.60 -5.22 -17.23
C GLY A 121 8.47 -3.90 -17.97
N VAL A 122 7.57 -3.91 -18.95
CA VAL A 122 7.37 -2.76 -19.84
C VAL A 122 6.40 -1.80 -19.18
N TYR A 123 6.84 -0.58 -18.91
CA TYR A 123 6.00 0.48 -18.37
C TYR A 123 6.06 1.70 -19.25
N THR A 124 4.91 2.19 -19.65
CA THR A 124 4.81 3.36 -20.52
C THR A 124 4.12 4.48 -19.75
N CYS A 125 4.52 5.72 -20.01
CA CYS A 125 3.94 6.94 -19.40
C CYS A 125 2.63 7.27 -20.11
N THR A 126 1.50 7.06 -19.39
CA THR A 126 0.17 7.04 -20.01
C THR A 126 -0.55 8.40 -20.05
N ALA A 127 -1.66 8.42 -20.74
CA ALA A 127 -2.51 9.61 -20.79
C ALA A 127 -2.81 10.20 -19.43
N GLN A 128 -2.97 9.34 -18.41
CA GLN A 128 -3.31 9.77 -17.05
C GLN A 128 -2.12 10.32 -16.24
N GLY A 129 -0.96 10.40 -16.87
CA GLY A 129 0.24 11.01 -16.27
C GLY A 129 0.92 10.17 -15.20
N ILE A 130 0.79 8.84 -15.29
CA ILE A 130 1.54 7.96 -14.41
C ILE A 130 2.05 6.72 -15.18
N TRP A 131 3.14 6.14 -14.69
CA TRP A 131 3.77 4.96 -15.27
C TRP A 131 2.91 3.71 -15.07
N LYS A 132 2.56 3.03 -16.15
CA LYS A 132 1.72 1.81 -16.07
C LYS A 132 2.19 0.73 -17.01
N ASN A 133 2.02 -0.52 -16.56
CA ASN A 133 2.28 -1.72 -17.35
C ASN A 133 0.94 -2.33 -17.78
N GLU A 134 0.82 -2.78 -19.03
CA GLU A 134 -0.49 -3.19 -19.56
C GLU A 134 -1.18 -4.29 -18.73
N GLN A 135 -0.38 -5.16 -18.12
CA GLN A 135 -0.92 -6.18 -17.22
C GLN A 135 -1.02 -5.68 -15.77
N LYS A 136 0.10 -5.44 -15.13
CA LYS A 136 0.15 -5.10 -13.68
C LYS A 136 -0.33 -3.71 -13.28
N GLY A 137 -0.44 -2.80 -14.22
CA GLY A 137 -0.93 -1.43 -13.94
C GLY A 137 0.17 -0.52 -13.34
N GLU A 138 -0.18 0.29 -12.35
CA GLU A 138 0.80 1.20 -11.69
C GLU A 138 1.82 0.47 -10.79
N LYS A 139 1.43 -0.66 -10.22
CA LYS A 139 2.30 -1.34 -9.29
C LYS A 139 3.58 -1.78 -10.02
N ILE A 140 4.74 -1.58 -9.41
CA ILE A 140 6.02 -1.93 -10.02
C ILE A 140 6.33 -3.41 -9.83
N PRO A 141 7.28 -3.95 -10.60
CA PRO A 141 7.66 -5.34 -10.46
C PRO A 141 8.32 -5.67 -9.12
N ARG A 142 8.59 -6.96 -8.93
CA ARG A 142 9.14 -7.48 -7.69
C ARG A 142 10.33 -8.38 -8.02
N CYS A 143 11.49 -8.07 -7.45
CA CYS A 143 12.71 -8.86 -7.69
C CYS A 143 12.96 -9.78 -6.49
N LEU A 144 12.98 -11.10 -6.77
CA LEU A 144 13.01 -12.10 -5.72
C LEU A 144 14.32 -12.86 -5.77
N PRO A 145 14.89 -13.15 -4.61
CA PRO A 145 16.05 -13.97 -4.48
C PRO A 145 15.99 -15.29 -5.23
N VAL A 146 17.01 -15.59 -6.03
CA VAL A 146 17.17 -16.88 -6.72
C VAL A 146 18.02 -17.77 -5.84
N CYS A 147 17.62 -19.03 -5.70
CA CYS A 147 18.32 -19.94 -4.84
C CYS A 147 19.10 -21.00 -5.60
N GLY A 148 20.19 -21.47 -4.99
CA GLY A 148 20.91 -22.62 -5.52
C GLY A 148 21.63 -22.45 -6.84
N LYS A 149 21.91 -21.22 -7.27
CA LYS A 149 22.66 -21.02 -8.53
C LYS A 149 23.93 -20.23 -8.29
N PRO A 150 24.94 -20.90 -7.69
CA PRO A 150 26.18 -20.18 -7.44
C PRO A 150 26.84 -19.81 -8.73
N VAL A 151 27.59 -18.69 -8.75
CA VAL A 151 28.26 -18.21 -9.98
C VAL A 151 29.60 -18.93 -10.12
N ASN A 152 30.23 -19.29 -8.99
CA ASN A 152 31.48 -20.05 -9.01
C ASN A 152 31.36 -21.40 -8.30
N PRO A 153 30.51 -22.27 -8.82
CA PRO A 153 30.19 -23.55 -8.16
C PRO A 153 31.31 -24.57 -8.26
N VAL A 154 31.32 -25.59 -7.41
CA VAL A 154 32.42 -26.53 -7.29
C VAL A 154 32.37 -27.56 -8.43
N GLU A 155 31.16 -27.97 -8.76
CA GLU A 155 30.89 -28.70 -9.96
C GLU A 155 29.72 -28.00 -10.68
N GLN A 156 29.66 -28.11 -11.99
CA GLN A 156 28.49 -27.66 -12.74
C GLN A 156 28.40 -28.35 -14.08
N ARG A 157 27.22 -28.34 -14.67
CA ARG A 157 27.12 -28.97 -15.95
C ARG A 157 27.53 -28.05 -17.09
N GLN A 158 28.10 -28.69 -18.11
CA GLN A 158 28.69 -28.05 -19.27
C GLN A 158 28.22 -28.92 -20.40
N ARG A 159 28.39 -28.46 -21.65
CA ARG A 159 27.95 -29.26 -22.79
C ARG A 159 29.01 -30.30 -23.18
N ILE B 1 36.38 -28.65 9.44
CA ILE B 1 36.43 -29.68 8.36
C ILE B 1 37.75 -30.40 8.34
N ILE B 2 37.68 -31.73 8.36
CA ILE B 2 38.87 -32.57 8.38
C ILE B 2 39.01 -33.20 7.02
N GLY B 3 40.22 -33.25 6.53
CA GLY B 3 40.53 -33.81 5.22
C GLY B 3 39.88 -33.17 4.01
N GLY B 4 39.55 -31.87 4.12
CA GLY B 4 38.99 -31.12 2.99
C GLY B 4 39.93 -30.12 2.40
N GLN B 5 39.36 -29.19 1.62
CA GLN B 5 40.16 -28.17 0.86
C GLN B 5 39.64 -26.78 1.17
N LYS B 6 40.45 -25.79 0.85
CA LYS B 6 39.98 -24.40 0.91
C LYS B 6 38.86 -24.15 -0.11
N ALA B 7 37.77 -23.59 0.35
CA ALA B 7 36.72 -23.14 -0.56
C ALA B 7 37.26 -21.89 -1.29
N LYS B 8 36.81 -21.72 -2.53
CA LYS B 8 37.05 -20.51 -3.30
C LYS B 8 35.83 -19.58 -3.15
N MET B 9 36.07 -18.29 -3.14
CA MET B 9 34.99 -17.30 -3.13
C MET B 9 33.99 -17.69 -4.22
N GLY B 10 32.73 -17.83 -3.82
CA GLY B 10 31.67 -18.17 -4.70
C GLY B 10 31.25 -19.61 -4.71
N ASN B 11 32.07 -20.52 -4.15
CA ASN B 11 31.73 -21.94 -4.14
C ASN B 11 30.48 -22.23 -3.36
N PHE B 12 30.40 -21.62 -2.18
CA PHE B 12 29.30 -21.86 -1.24
C PHE B 12 28.81 -20.52 -0.75
N PRO B 13 28.18 -19.73 -1.64
CA PRO B 13 27.69 -18.37 -1.34
C PRO B 13 26.60 -18.26 -0.24
N TRP B 14 25.95 -19.35 0.09
CA TRP B 14 24.98 -19.38 1.20
C TRP B 14 25.64 -19.57 2.57
N GLN B 15 26.94 -19.76 2.63
CA GLN B 15 27.57 -20.19 3.87
C GLN B 15 27.62 -19.06 4.87
N VAL B 16 27.31 -19.40 6.09
CA VAL B 16 27.18 -18.42 7.18
C VAL B 16 28.09 -18.81 8.32
N PHE B 17 28.64 -17.80 9.00
CA PHE B 17 29.54 -17.94 10.12
C PHE B 17 28.84 -17.44 11.36
N THR B 18 28.64 -18.28 12.36
CA THR B 18 28.08 -17.81 13.61
C THR B 18 29.11 -17.90 14.74
N ASN B 19 28.93 -17.06 15.76
CA ASN B 19 29.73 -17.15 16.95
C ASN B 19 28.84 -16.84 18.15
N ILE B 20 28.13 -17.89 18.62
CA ILE B 20 27.14 -17.71 19.69
C ILE B 20 27.73 -18.31 20.98
N HIS B 21 27.77 -19.63 21.09
CA HIS B 21 28.49 -20.30 22.19
C HIS B 21 29.77 -20.92 21.64
N GLY B 22 30.44 -20.21 20.77
CA GLY B 22 31.55 -20.79 20.00
C GLY B 22 31.24 -20.65 18.55
N ARG B 23 32.13 -21.18 17.74
CA ARG B 23 32.06 -21.06 16.28
C ARG B 23 31.07 -22.07 15.72
N GLY B 24 30.27 -21.59 14.74
CA GLY B 24 29.35 -22.45 14.01
C GLY B 24 29.02 -21.96 12.62
N GLY B 25 28.17 -22.73 11.94
CA GLY B 25 27.75 -22.36 10.62
C GLY B 25 26.23 -22.33 10.44
N GLY B 26 25.82 -21.95 9.23
CA GLY B 26 24.45 -21.80 8.85
C GLY B 26 24.46 -21.69 7.36
N ALA B 27 23.26 -21.61 6.78
CA ALA B 27 23.12 -21.38 5.35
C ALA B 27 22.03 -20.36 5.14
N LEU B 28 22.24 -19.43 4.21
CA LEU B 28 21.24 -18.39 3.92
C LEU B 28 20.05 -19.00 3.18
N LEU B 29 18.85 -18.63 3.59
CA LEU B 29 17.63 -18.86 2.79
C LEU B 29 17.02 -17.54 2.43
N GLY B 30 16.54 -17.38 1.19
CA GLY B 30 15.98 -16.13 0.77
C GLY B 30 17.01 -15.06 0.93
N ASP B 31 16.62 -13.86 1.39
CA ASP B 31 17.57 -12.80 1.59
C ASP B 31 17.52 -12.29 3.02
N ARG B 32 16.83 -12.99 3.93
CA ARG B 32 16.86 -12.59 5.35
C ARG B 32 16.63 -13.73 6.37
N TRP B 33 16.85 -14.95 5.95
CA TRP B 33 16.76 -16.07 6.89
C TRP B 33 18.02 -16.89 6.90
N ILE B 34 18.28 -17.52 8.05
CA ILE B 34 19.44 -18.36 8.18
C ILE B 34 19.00 -19.65 8.86
N LEU B 35 19.32 -20.75 8.23
CA LEU B 35 18.99 -22.07 8.72
C LEU B 35 20.18 -22.57 9.47
N THR B 36 19.99 -23.18 10.61
CA THR B 36 21.12 -23.73 11.35
C THR B 36 20.63 -24.83 12.26
N ALA B 37 21.50 -25.29 13.14
CA ALA B 37 21.20 -26.31 14.13
C ALA B 37 20.77 -25.70 15.47
N ALA B 38 19.67 -26.16 16.04
CA ALA B 38 19.27 -25.76 17.41
C ALA B 38 20.41 -25.77 18.42
N HIS B 39 21.26 -26.81 18.40
CA HIS B 39 22.27 -26.98 19.48
C HIS B 39 23.35 -25.90 19.47
N THR B 40 23.46 -25.25 18.33
CA THR B 40 24.23 -24.01 18.17
C THR B 40 23.72 -22.83 19.00
N LEU B 41 22.40 -22.78 19.23
CA LEU B 41 21.79 -21.72 20.06
C LEU B 41 21.62 -22.21 21.48
N TYR B 42 21.26 -23.50 21.59
CA TYR B 42 21.01 -24.12 22.88
C TYR B 42 21.79 -25.42 23.03
N PRO B 43 23.09 -25.30 23.39
CA PRO B 43 23.99 -26.45 23.49
C PRO B 43 23.64 -27.44 24.58
N LYS B 44 24.18 -28.63 24.45
CA LYS B 44 23.91 -29.73 25.38
C LYS B 44 24.63 -29.55 26.72
N GLU B 45 25.85 -29.07 26.64
CA GLU B 45 26.62 -28.61 27.83
C GLU B 45 27.52 -27.51 27.25
N HIS B 46 27.07 -26.23 27.23
CA HIS B 46 26.40 -25.47 28.30
C HIS B 46 25.28 -25.96 29.24
N GLU B 47 25.42 -25.58 30.51
CA GLU B 47 24.40 -25.66 31.53
C GLU B 47 24.54 -24.49 32.51
N ALA B 52 26.81 -14.66 25.27
CA ALA B 52 26.02 -15.39 24.26
C ALA B 52 25.11 -14.46 23.43
N SER B 53 25.76 -13.63 22.60
CA SER B 53 25.08 -12.85 21.59
C SER B 53 24.82 -13.71 20.36
N LEU B 54 23.97 -13.25 19.46
CA LEU B 54 23.78 -13.90 18.17
C LEU B 54 24.60 -13.17 17.14
N ASP B 55 25.87 -13.51 17.07
CA ASP B 55 26.81 -12.89 16.15
C ASP B 55 26.82 -13.67 14.83
N VAL B 56 26.38 -13.02 13.76
CA VAL B 56 26.24 -13.69 12.49
C VAL B 56 26.99 -12.90 11.41
N PHE B 57 27.83 -13.59 10.67
CA PHE B 57 28.61 -12.99 9.58
C PHE B 57 28.39 -13.74 8.25
N LEU B 58 28.45 -12.97 7.16
CA LEU B 58 28.09 -13.50 5.85
C LEU B 58 28.94 -12.90 4.78
N GLY B 59 29.07 -13.61 3.67
CA GLY B 59 29.51 -13.01 2.42
C GLY B 59 30.99 -13.11 2.04
N HIS B 60 31.74 -13.96 2.70
CA HIS B 60 33.18 -14.15 2.41
C HIS B 60 33.68 -15.47 2.95
N THR B 61 34.83 -15.93 2.40
CA THR B 61 35.43 -17.18 2.79
C THR B 61 36.51 -17.03 3.88
N ASN B 62 37.13 -15.85 3.94
CA ASN B 62 38.13 -15.58 4.94
C ASN B 62 37.48 -15.02 6.20
N VAL B 63 37.74 -15.68 7.33
CA VAL B 63 37.13 -15.34 8.64
C VAL B 63 37.40 -13.88 9.08
N GLU B 64 38.62 -13.42 8.85
CA GLU B 64 38.94 -12.04 9.24
C GLU B 64 38.07 -11.09 8.38
N GLU B 65 38.03 -11.36 7.07
CA GLU B 65 37.27 -10.54 6.12
C GLU B 65 35.75 -10.67 6.29
N LEU B 66 35.30 -11.84 6.76
CA LEU B 66 33.88 -12.02 7.18
C LEU B 66 33.50 -11.07 8.27
N MET B 67 34.42 -10.91 9.23
CA MET B 67 34.17 -10.06 10.40
C MET B 67 34.24 -8.59 10.04
N LYS B 68 35.13 -8.22 9.11
CA LYS B 68 35.24 -6.83 8.63
C LYS B 68 34.01 -6.44 7.83
N LEU B 69 33.43 -7.38 7.08
CA LEU B 69 32.16 -7.12 6.44
C LEU B 69 31.06 -6.69 7.47
N GLY B 70 31.13 -7.21 8.69
CA GLY B 70 30.30 -6.73 9.75
C GLY B 70 29.20 -7.69 10.14
N ASN B 71 28.82 -7.65 11.41
CA ASN B 71 27.73 -8.48 11.94
C ASN B 71 26.37 -8.11 11.33
N HIS B 72 25.47 -9.09 11.26
CA HIS B 72 24.11 -8.90 10.82
C HIS B 72 23.18 -9.19 11.98
N PRO B 73 22.60 -8.15 12.58
CA PRO B 73 21.70 -8.34 13.73
C PRO B 73 20.49 -9.25 13.44
N ILE B 74 20.19 -10.06 14.43
CA ILE B 74 19.12 -11.06 14.41
C ILE B 74 17.89 -10.53 15.15
N ARG B 75 16.77 -10.53 14.43
CA ARG B 75 15.53 -10.00 14.97
C ARG B 75 14.72 -11.07 15.73
N ARG B 76 14.60 -12.26 15.18
CA ARG B 76 13.78 -13.33 15.74
C ARG B 76 14.50 -14.70 15.57
N VAL B 77 14.31 -15.57 16.56
CA VAL B 77 14.84 -16.92 16.54
C VAL B 77 13.69 -17.92 16.57
N SER B 78 13.78 -18.98 15.78
CA SER B 78 12.83 -20.06 15.86
C SER B 78 13.58 -21.38 15.99
N VAL B 79 13.49 -22.00 17.16
CA VAL B 79 14.00 -23.34 17.36
C VAL B 79 12.80 -24.26 17.17
N HIS B 80 13.08 -25.46 16.65
CA HIS B 80 11.99 -26.41 16.38
C HIS B 80 11.48 -26.94 17.72
N PRO B 81 10.13 -27.10 17.84
CA PRO B 81 9.60 -27.55 19.13
C PRO B 81 10.15 -28.88 19.66
N ASP B 82 10.70 -29.73 18.81
CA ASP B 82 11.09 -31.07 19.23
C ASP B 82 12.49 -31.19 19.81
N TYR B 83 13.30 -30.17 19.59
CA TYR B 83 14.63 -30.15 20.21
C TYR B 83 14.54 -30.10 21.73
N ARG B 84 15.34 -30.98 22.35
CA ARG B 84 15.41 -31.10 23.79
C ARG B 84 16.83 -30.78 24.25
N GLN B 85 17.05 -29.56 24.71
CA GLN B 85 18.39 -29.15 25.14
C GLN B 85 19.07 -30.09 26.15
N ASP B 86 18.30 -30.64 27.08
CA ASP B 86 18.91 -31.16 28.32
C ASP B 86 19.17 -32.65 28.30
N GLU B 87 18.70 -33.32 27.26
CA GLU B 87 19.12 -34.68 26.96
C GLU B 87 20.12 -34.69 25.87
N SER B 88 20.98 -35.66 25.94
CA SER B 88 22.40 -35.46 25.74
C SER B 88 22.90 -36.31 24.61
N TYR B 89 22.00 -37.20 24.25
CA TYR B 89 22.23 -38.16 23.21
C TYR B 89 20.94 -38.19 22.42
N ASN B 90 20.31 -37.03 22.29
CA ASN B 90 19.08 -36.91 21.52
C ASN B 90 18.99 -35.59 20.72
N PHE B 91 19.34 -35.67 19.45
CA PHE B 91 19.38 -34.48 18.61
C PHE B 91 18.13 -34.36 17.73
N GLU B 92 17.06 -35.08 18.09
CA GLU B 92 15.82 -34.93 17.37
C GLU B 92 15.50 -33.45 17.27
N GLY B 93 15.10 -33.02 16.10
CA GLY B 93 14.61 -31.67 15.89
C GLY B 93 15.71 -30.66 16.03
N ASP B 94 16.92 -31.02 15.61
CA ASP B 94 18.09 -30.14 15.72
C ASP B 94 18.14 -29.23 14.49
N ILE B 95 17.25 -28.25 14.54
CA ILE B 95 17.07 -27.33 13.45
C ILE B 95 16.51 -26.05 14.01
N ALA B 96 16.98 -24.93 13.51
CA ALA B 96 16.51 -23.67 13.98
C ALA B 96 16.66 -22.67 12.86
N LEU B 97 16.02 -21.52 13.06
CA LEU B 97 15.93 -20.51 12.01
C LEU B 97 16.13 -19.13 12.60
N LEU B 98 17.12 -18.41 12.08
CA LEU B 98 17.40 -17.02 12.47
C LEU B 98 16.80 -16.08 11.42
N GLU B 99 16.05 -15.04 11.83
CA GLU B 99 15.60 -13.97 10.93
C GLU B 99 16.42 -12.73 11.11
N LEU B 100 16.95 -12.20 10.01
CA LEU B 100 17.78 -11.00 10.05
C LEU B 100 16.88 -9.81 10.21
N GLU B 101 17.34 -8.81 10.99
CA GLU B 101 16.67 -7.53 11.12
C GLU B 101 16.57 -6.82 9.78
N ASN B 102 17.58 -6.99 8.94
CA ASN B 102 17.62 -6.38 7.62
C ASN B 102 17.98 -7.42 6.57
N SER B 103 17.32 -7.44 5.44
CA SER B 103 17.68 -8.34 4.38
C SER B 103 19.02 -7.95 3.78
N VAL B 104 19.77 -8.95 3.36
CA VAL B 104 21.07 -8.77 2.76
C VAL B 104 20.91 -8.52 1.23
N THR B 105 21.88 -7.85 0.64
CA THR B 105 21.91 -7.68 -0.82
C THR B 105 22.63 -8.87 -1.42
N LEU B 106 22.01 -9.53 -2.37
CA LEU B 106 22.66 -10.72 -2.95
C LEU B 106 23.72 -10.31 -4.00
N GLY B 107 24.71 -11.16 -4.12
CA GLY B 107 25.83 -10.97 -5.05
C GLY B 107 26.53 -12.26 -5.36
N PRO B 108 27.63 -12.22 -6.12
CA PRO B 108 28.29 -13.48 -6.48
C PRO B 108 28.77 -14.29 -5.28
N ASN B 109 29.11 -13.59 -4.21
CA ASN B 109 29.62 -14.28 -3.00
C ASN B 109 28.56 -14.49 -1.93
N LEU B 110 27.29 -14.16 -2.25
CA LEU B 110 26.23 -14.25 -1.26
C LEU B 110 24.87 -14.52 -1.95
N LEU B 111 24.47 -15.78 -1.89
CA LEU B 111 23.22 -16.31 -2.51
C LEU B 111 22.67 -17.42 -1.62
N PRO B 112 21.34 -17.56 -1.60
CA PRO B 112 20.76 -18.63 -0.75
C PRO B 112 20.75 -19.99 -1.43
N ILE B 113 20.54 -21.00 -0.63
CA ILE B 113 20.48 -22.37 -1.09
C ILE B 113 19.00 -22.75 -1.13
N CYS B 114 18.65 -23.72 -1.97
CA CYS B 114 17.27 -24.15 -2.10
C CYS B 114 16.92 -25.19 -1.07
N LEU B 115 15.62 -25.44 -0.91
CA LEU B 115 15.12 -26.44 -0.03
C LEU B 115 14.74 -27.67 -0.87
N PRO B 116 14.85 -28.85 -0.31
CA PRO B 116 14.54 -30.08 -1.03
C PRO B 116 13.04 -30.31 -1.06
N ASP B 117 12.55 -30.94 -2.12
CA ASP B 117 11.12 -31.22 -2.34
C ASP B 117 10.82 -32.72 -2.54
N ASN B 118 11.81 -33.61 -2.40
CA ASN B 118 11.52 -35.05 -2.49
C ASN B 118 12.61 -35.91 -1.91
N ASP B 119 12.31 -37.22 -1.75
CA ASP B 119 13.13 -38.13 -0.98
C ASP B 119 14.37 -38.66 -1.68
N THR B 120 14.45 -38.46 -3.00
CA THR B 120 15.62 -38.96 -3.77
C THR B 120 16.91 -38.21 -3.45
N PHE B 121 16.80 -37.03 -2.85
CA PHE B 121 17.96 -36.37 -2.23
C PHE B 121 18.61 -37.13 -1.08
N TYR B 122 18.06 -38.27 -0.65
CA TYR B 122 18.67 -39.04 0.42
C TYR B 122 19.01 -40.48 -0.03
N ASP B 123 19.21 -40.65 -1.32
CA ASP B 123 19.47 -41.96 -1.90
C ASP B 123 20.84 -42.47 -1.48
N LEU B 124 20.98 -43.73 -1.20
CA LEU B 124 22.26 -44.34 -0.91
C LEU B 124 23.31 -43.89 -1.97
N GLY B 125 24.45 -43.41 -1.48
CA GLY B 125 25.60 -43.06 -2.30
C GLY B 125 25.61 -41.70 -3.02
N LEU B 126 24.53 -40.94 -2.88
CA LEU B 126 24.49 -39.62 -3.41
C LEU B 126 25.58 -38.75 -2.77
N MET B 127 26.36 -38.05 -3.58
CA MET B 127 27.45 -37.24 -3.07
C MET B 127 26.95 -35.80 -2.80
N GLY B 128 27.30 -35.28 -1.63
CA GLY B 128 27.02 -33.89 -1.26
C GLY B 128 28.29 -33.23 -0.73
N TYR B 129 28.17 -31.91 -0.48
CA TYR B 129 29.28 -31.15 0.07
C TYR B 129 28.89 -30.64 1.43
N VAL B 130 29.87 -30.59 2.35
CA VAL B 130 29.71 -29.87 3.61
C VAL B 130 30.86 -28.88 3.67
N SER B 131 30.52 -27.58 3.82
CA SER B 131 31.54 -26.58 3.99
C SER B 131 31.46 -26.11 5.41
N GLY B 132 32.60 -25.62 5.91
CA GLY B 132 32.60 -25.08 7.26
C GLY B 132 33.90 -24.39 7.67
N PHE B 133 33.79 -23.60 8.73
CA PHE B 133 34.91 -22.88 9.28
C PHE B 133 35.46 -23.62 10.52
N GLY B 134 34.98 -24.83 10.72
CA GLY B 134 35.43 -25.66 11.80
C GLY B 134 36.90 -26.04 11.78
N VAL B 135 37.26 -26.69 12.86
CA VAL B 135 38.62 -27.13 13.13
C VAL B 135 39.10 -28.20 12.14
N MET B 136 40.39 -28.17 11.78
CA MET B 136 40.97 -29.17 10.89
C MET B 136 41.64 -30.22 11.71
N GLU B 137 42.21 -31.20 11.03
CA GLU B 137 42.79 -32.36 11.74
C GLU B 137 43.86 -31.94 12.73
N GLU B 138 44.62 -30.89 12.38
CA GLU B 138 45.76 -30.47 13.23
C GLU B 138 45.94 -28.97 13.40
N LYS B 139 44.98 -28.18 12.97
CA LYS B 139 45.05 -26.72 13.11
C LYS B 139 43.69 -26.07 13.06
N ILE B 140 43.63 -24.81 13.46
CA ILE B 140 42.41 -23.99 13.36
C ILE B 140 42.33 -23.55 11.92
N ALA B 141 41.10 -23.37 11.43
CA ALA B 141 40.89 -22.94 10.04
C ALA B 141 40.57 -21.46 10.07
N HIS B 142 41.20 -20.71 9.20
CA HIS B 142 40.91 -19.26 9.09
C HIS B 142 40.18 -18.90 7.82
N ASP B 143 39.82 -19.94 7.06
CA ASP B 143 39.14 -19.78 5.77
C ASP B 143 38.18 -20.97 5.58
N LEU B 144 37.05 -20.71 4.96
CA LEU B 144 36.08 -21.78 4.64
C LEU B 144 36.74 -22.99 3.99
N ARG B 145 36.40 -24.17 4.48
CA ARG B 145 36.83 -25.40 3.84
C ARG B 145 35.61 -26.25 3.54
N PHE B 146 35.85 -27.25 2.67
CA PHE B 146 34.81 -28.21 2.32
C PHE B 146 35.31 -29.62 2.02
N VAL B 147 34.44 -30.60 2.25
CA VAL B 147 34.66 -31.97 1.83
C VAL B 147 33.43 -32.46 1.04
N ARG B 148 33.59 -33.53 0.31
CA ARG B 148 32.56 -34.13 -0.50
C ARG B 148 32.27 -35.50 0.07
N LEU B 149 31.02 -35.73 0.54
CA LEU B 149 30.68 -36.91 1.31
C LEU B 149 29.52 -37.67 0.72
N PRO B 150 29.57 -39.00 0.79
CA PRO B 150 28.49 -39.81 0.29
C PRO B 150 27.40 -40.02 1.31
N VAL B 151 26.14 -39.96 0.90
CA VAL B 151 25.02 -40.34 1.75
C VAL B 151 25.17 -41.81 2.07
N ALA B 152 24.91 -42.19 3.33
CA ALA B 152 25.26 -43.48 3.87
C ALA B 152 24.03 -44.34 4.11
N ASN B 153 24.26 -45.63 4.27
CA ASN B 153 23.16 -46.57 4.49
C ASN B 153 22.74 -46.47 5.96
N PRO B 154 21.52 -46.01 6.20
CA PRO B 154 21.10 -45.88 7.59
C PRO B 154 21.14 -47.19 8.38
N GLN B 155 20.97 -48.32 7.70
CA GLN B 155 21.11 -49.61 8.39
C GLN B 155 22.52 -49.83 8.92
N ALA B 156 23.51 -49.37 8.14
CA ALA B 156 24.93 -49.53 8.55
C ALA B 156 25.29 -48.53 9.63
N CYS B 157 24.71 -47.36 9.56
CA CYS B 157 24.87 -46.38 10.61
C CYS B 157 24.34 -46.92 11.95
N GLU B 158 23.16 -47.52 11.88
CA GLU B 158 22.63 -48.18 13.05
C GLU B 158 23.55 -49.30 13.55
N ASN B 159 24.11 -50.06 12.61
CA ASN B 159 24.96 -51.17 12.94
C ASN B 159 26.25 -50.73 13.68
N TRP B 160 26.70 -49.55 13.28
CA TRP B 160 27.94 -49.00 13.77
C TRP B 160 27.76 -48.53 15.19
N LEU B 161 26.67 -47.81 15.46
CA LEU B 161 26.25 -47.45 16.83
C LEU B 161 25.96 -48.70 17.68
N ARG B 162 25.23 -49.65 17.13
CA ARG B 162 24.95 -50.89 17.89
C ARG B 162 26.29 -51.51 18.33
N GLY B 163 27.31 -51.36 17.45
CA GLY B 163 28.62 -51.93 17.69
C GLY B 163 29.33 -51.25 18.83
N LYS B 164 29.04 -49.98 19.10
CA LYS B 164 29.67 -49.20 20.14
C LYS B 164 28.82 -49.11 21.39
N ASN B 165 27.70 -49.82 21.45
CA ASN B 165 26.79 -49.80 22.60
C ASN B 165 26.29 -48.39 22.92
N ARG B 166 25.96 -47.65 21.86
CA ARG B 166 25.48 -46.28 21.97
C ARG B 166 23.97 -46.27 21.88
N MET B 167 23.34 -45.54 22.80
CA MET B 167 21.86 -45.41 22.80
C MET B 167 21.36 -44.10 22.22
N ASP B 168 22.15 -43.44 21.36
CA ASP B 168 21.74 -42.17 20.76
C ASP B 168 20.52 -42.26 19.90
N VAL B 169 19.72 -41.20 19.89
CA VAL B 169 18.51 -41.17 19.07
C VAL B 169 18.93 -41.03 17.63
N PHE B 170 18.49 -41.93 16.79
CA PHE B 170 18.73 -41.84 15.33
C PHE B 170 17.40 -42.06 14.70
N SER B 171 16.70 -40.93 14.43
CA SER B 171 15.32 -41.01 13.99
C SER B 171 15.23 -41.01 12.47
N GLN B 172 13.97 -41.07 12.04
CA GLN B 172 13.57 -40.84 10.65
C GLN B 172 13.73 -39.37 10.24
N ASN B 173 14.04 -38.51 11.19
CA ASN B 173 14.23 -37.10 10.84
C ASN B 173 15.72 -36.76 10.79
N MET B 174 16.54 -37.78 10.70
CA MET B 174 17.98 -37.62 10.52
C MET B 174 18.45 -38.56 9.40
N PHE B 175 19.62 -38.25 8.79
CA PHE B 175 20.32 -39.18 7.92
C PHE B 175 21.80 -39.15 8.18
N CYS B 176 22.51 -40.09 7.59
CA CYS B 176 23.94 -40.14 7.84
C CYS B 176 24.75 -40.08 6.55
N ALA B 177 25.94 -39.52 6.65
CA ALA B 177 26.83 -39.31 5.53
C ALA B 177 28.22 -39.67 5.97
N GLY B 178 29.13 -39.86 5.03
CA GLY B 178 30.47 -40.24 5.32
C GLY B 178 30.60 -41.72 5.50
N HIS B 179 31.77 -42.18 5.86
CA HIS B 179 31.99 -43.57 6.06
C HIS B 179 33.14 -43.73 7.03
N PRO B 180 33.08 -44.73 7.92
CA PRO B 180 34.15 -44.97 8.89
C PRO B 180 35.58 -45.06 8.30
N SER B 181 35.70 -45.33 7.01
CA SER B 181 37.02 -45.40 6.42
C SER B 181 37.44 -44.09 5.78
N LEU B 182 36.53 -43.14 5.77
CA LEU B 182 36.82 -41.85 5.19
C LEU B 182 37.39 -40.89 6.26
N LYS B 183 38.38 -40.12 5.87
CA LYS B 183 38.97 -39.13 6.77
C LYS B 183 38.05 -37.90 6.81
N GLN B 184 37.33 -37.69 5.69
CA GLN B 184 36.52 -36.52 5.54
C GLN B 184 35.35 -36.46 6.54
N ASP B 185 35.27 -35.38 7.29
CA ASP B 185 34.12 -35.17 8.17
C ASP B 185 33.98 -33.70 8.58
N ALA B 186 32.82 -33.40 9.13
CA ALA B 186 32.59 -32.14 9.85
C ALA B 186 33.28 -32.29 11.21
N CYS B 187 33.64 -31.13 11.81
CA CYS B 187 34.21 -31.11 13.14
C CYS B 187 33.83 -29.81 13.86
N GLN B 188 34.45 -29.63 15.03
CA GLN B 188 34.09 -28.57 15.94
C GLN B 188 34.16 -27.20 15.28
N GLY B 189 33.01 -26.53 15.26
CA GLY B 189 32.87 -25.31 14.53
C GLY B 189 32.09 -25.44 13.23
N ASP B 190 31.85 -26.68 12.82
CA ASP B 190 31.06 -26.92 11.56
C ASP B 190 29.56 -27.09 11.76
N SER B 191 29.12 -27.50 12.97
CA SER B 191 27.69 -27.67 13.25
C SER B 191 26.84 -26.52 12.76
N GLY B 192 25.65 -26.83 12.24
CA GLY B 192 24.74 -25.80 11.75
C GLY B 192 24.93 -25.42 10.30
N GLY B 193 26.04 -25.81 9.69
CA GLY B 193 26.19 -25.68 8.26
C GLY B 193 25.36 -26.77 7.62
N VAL B 194 25.09 -26.63 6.32
CA VAL B 194 24.25 -27.59 5.59
C VAL B 194 25.08 -28.67 4.98
N PHE B 195 24.44 -29.81 4.76
CA PHE B 195 24.87 -30.79 3.76
C PHE B 195 24.20 -30.35 2.46
N ALA B 196 24.99 -30.11 1.41
CA ALA B 196 24.51 -29.51 0.19
C ALA B 196 24.68 -30.46 -0.96
N VAL B 197 23.61 -30.71 -1.70
CA VAL B 197 23.62 -31.59 -2.83
C VAL B 197 23.28 -30.81 -4.07
N ARG B 198 24.08 -30.97 -5.11
CA ARG B 198 23.74 -30.48 -6.41
C ARG B 198 22.84 -31.47 -7.08
N ASP B 199 21.58 -31.10 -7.24
CA ASP B 199 20.65 -31.90 -8.01
C ASP B 199 21.22 -32.16 -9.43
N PRO B 200 21.38 -33.40 -9.82
CA PRO B 200 21.96 -33.68 -11.14
C PRO B 200 20.98 -33.38 -12.30
N ASN B 201 19.69 -33.43 -12.00
CA ASN B 201 18.66 -33.13 -13.01
C ASN B 201 18.49 -31.64 -13.29
N THR B 202 18.97 -30.81 -12.37
CA THR B 202 18.59 -29.40 -12.30
C THR B 202 19.75 -28.43 -12.25
N ASP B 203 20.88 -28.86 -11.73
CA ASP B 203 22.09 -28.01 -11.56
C ASP B 203 21.90 -27.01 -10.39
N ARG B 204 20.85 -27.17 -9.63
CA ARG B 204 20.54 -26.31 -8.51
C ARG B 204 21.05 -26.99 -7.21
N TRP B 205 21.38 -26.16 -6.24
CA TRP B 205 21.97 -26.63 -4.99
C TRP B 205 20.93 -26.60 -3.87
N VAL B 206 20.92 -27.67 -3.08
CA VAL B 206 19.87 -27.94 -2.14
C VAL B 206 20.44 -28.30 -0.76
N ALA B 207 19.80 -27.79 0.29
CA ALA B 207 20.20 -28.08 1.66
C ALA B 207 19.41 -29.26 2.13
N THR B 208 19.94 -30.46 1.88
CA THR B 208 19.29 -31.71 2.30
C THR B 208 19.46 -31.98 3.77
N GLY B 209 20.49 -31.37 4.38
CA GLY B 209 20.75 -31.64 5.78
C GLY B 209 21.47 -30.52 6.48
N ILE B 210 21.58 -30.70 7.81
CA ILE B 210 22.26 -29.77 8.70
C ILE B 210 23.22 -30.56 9.56
N VAL B 211 24.47 -30.15 9.57
CA VAL B 211 25.47 -30.84 10.41
C VAL B 211 24.92 -30.81 11.86
N SER B 212 24.78 -31.97 12.50
CA SER B 212 24.13 -32.09 13.77
C SER B 212 24.97 -32.77 14.85
N TRP B 213 25.30 -34.05 14.65
CA TRP B 213 26.07 -34.77 15.68
C TRP B 213 26.88 -35.91 15.12
N GLY B 214 27.78 -36.44 15.97
CA GLY B 214 28.55 -37.61 15.66
C GLY B 214 29.24 -38.17 16.90
N ILE B 215 30.16 -39.08 16.72
CA ILE B 215 30.99 -39.61 17.79
C ILE B 215 32.41 -39.17 17.46
N GLY B 216 32.84 -38.06 18.02
CA GLY B 216 34.09 -37.47 17.60
C GLY B 216 33.94 -36.92 16.22
N CYS B 217 35.01 -36.92 15.45
CA CYS B 217 35.01 -36.26 14.15
C CYS B 217 35.43 -37.13 12.98
N SER B 218 36.64 -37.65 12.94
CA SER B 218 37.01 -38.33 11.68
C SER B 218 36.61 -39.82 11.75
N ARG B 219 36.54 -40.48 10.60
CA ARG B 219 36.50 -41.94 10.55
C ARG B 219 35.34 -42.55 11.34
N GLY B 220 34.15 -42.09 10.99
CA GLY B 220 32.92 -42.58 11.59
C GLY B 220 31.81 -42.20 10.63
N TYR B 221 30.56 -42.22 11.06
CA TYR B 221 29.45 -41.71 10.29
C TYR B 221 29.06 -40.40 10.90
N GLY B 222 28.74 -39.41 10.09
CA GLY B 222 28.22 -38.16 10.60
C GLY B 222 26.70 -38.15 10.46
N PHE B 223 26.01 -37.43 11.37
CA PHE B 223 24.56 -37.39 11.37
C PHE B 223 24.02 -35.99 11.16
N TYR B 224 22.93 -35.92 10.37
CA TYR B 224 22.49 -34.64 9.83
C TYR B 224 21.00 -34.56 10.04
N THR B 225 20.50 -33.40 10.46
CA THR B 225 19.06 -33.21 10.48
C THR B 225 18.55 -33.30 9.06
N LYS B 226 17.58 -34.19 8.83
CA LYS B 226 16.97 -34.39 7.51
C LYS B 226 16.10 -33.22 7.06
N VAL B 227 16.66 -32.28 6.31
CA VAL B 227 15.95 -31.01 6.07
C VAL B 227 14.60 -31.19 5.43
N LEU B 228 14.48 -32.18 4.53
CA LEU B 228 13.20 -32.41 3.80
C LEU B 228 12.02 -32.50 4.74
N ASN B 229 12.20 -33.13 5.89
CA ASN B 229 11.08 -33.35 6.79
C ASN B 229 10.64 -32.11 7.60
N TYR B 230 11.36 -31.01 7.46
CA TYR B 230 11.01 -29.74 8.16
C TYR B 230 10.70 -28.61 7.21
N VAL B 231 10.54 -28.90 5.91
CA VAL B 231 10.37 -27.86 4.91
C VAL B 231 9.07 -27.11 5.16
N ASP B 232 7.99 -27.85 5.48
CA ASP B 232 6.74 -27.21 5.81
C ASP B 232 6.90 -26.26 7.00
N TRP B 233 7.63 -26.67 8.00
CA TRP B 233 7.88 -25.85 9.20
C TRP B 233 8.71 -24.63 8.88
N ILE B 234 9.71 -24.80 8.00
CA ILE B 234 10.57 -23.68 7.58
C ILE B 234 9.69 -22.65 6.91
N LYS B 235 8.90 -23.06 5.94
CA LYS B 235 8.07 -22.11 5.19
C LYS B 235 7.04 -21.39 6.06
N LYS B 236 6.50 -22.04 7.09
CA LYS B 236 5.53 -21.43 7.98
C LYS B 236 6.19 -20.38 8.83
N GLU B 237 7.36 -20.71 9.41
CA GLU B 237 8.14 -19.73 10.17
C GLU B 237 8.62 -18.56 9.27
N MET B 238 8.83 -18.84 7.97
CA MET B 238 9.31 -17.82 7.05
C MET B 238 8.20 -16.86 6.57
N GLU B 239 6.97 -16.96 7.08
CA GLU B 239 5.82 -16.25 6.49
C GLU B 239 5.06 -15.35 7.45
N GLU B 240 5.56 -15.16 8.69
CA GLU B 240 4.87 -14.38 9.72
C GLU B 240 4.13 -13.12 9.25
N GLN C 3 50.72 -9.66 19.35
CA GLN C 3 50.48 -8.41 20.11
C GLN C 3 48.99 -8.16 20.25
N ALA C 4 48.66 -7.36 21.28
CA ALA C 4 47.29 -7.17 21.69
C ALA C 4 46.78 -5.84 21.21
N CYS C 5 45.46 -5.76 21.06
CA CYS C 5 44.80 -4.57 20.59
C CYS C 5 44.35 -3.73 21.79
N PRO C 6 44.29 -2.40 21.61
CA PRO C 6 43.87 -1.53 22.69
C PRO C 6 42.48 -1.85 23.20
N GLN C 7 42.23 -1.59 24.48
CA GLN C 7 40.93 -1.83 25.06
C GLN C 7 39.94 -0.86 24.36
N PRO C 8 38.77 -1.40 23.98
CA PRO C 8 37.78 -0.58 23.27
C PRO C 8 37.25 0.64 24.02
N LYS C 9 36.85 1.63 23.24
CA LYS C 9 36.83 3.01 23.63
C LYS C 9 35.49 3.67 23.35
N THR C 10 34.60 3.65 24.34
CA THR C 10 33.29 4.30 24.19
C THR C 10 33.43 5.84 24.15
N LEU C 11 32.64 6.46 23.28
CA LEU C 11 32.71 7.90 23.04
C LEU C 11 31.49 8.66 23.55
N ASP C 12 30.45 7.94 23.92
CA ASP C 12 29.27 8.55 24.49
C ASP C 12 28.51 7.60 25.42
N GLU C 13 27.49 8.14 26.12
CA GLU C 13 26.74 7.40 27.13
C GLU C 13 25.77 6.34 26.57
N PHE C 14 25.60 6.33 25.26
CA PHE C 14 24.53 5.53 24.62
C PHE C 14 25.06 4.38 23.80
N THR C 15 26.37 4.21 23.79
CA THR C 15 27.00 3.11 23.08
C THR C 15 27.23 1.95 24.03
N ILE C 16 26.96 0.77 23.54
CA ILE C 16 27.11 -0.48 24.30
C ILE C 16 28.16 -1.33 23.59
N ILE C 17 29.01 -1.98 24.36
CA ILE C 17 29.94 -2.96 23.80
C ILE C 17 29.56 -4.32 24.36
N GLN C 18 29.10 -5.20 23.48
CA GLN C 18 28.60 -6.50 23.86
C GLN C 18 29.77 -7.39 24.21
N ASN C 19 29.65 -8.05 25.36
CA ASN C 19 30.63 -9.03 25.84
C ASN C 19 32.09 -8.52 25.82
N LEU C 20 32.28 -7.33 26.43
CA LEU C 20 33.59 -6.70 26.52
C LEU C 20 34.68 -7.61 27.13
N GLN C 21 35.77 -7.82 26.37
CA GLN C 21 36.83 -8.72 26.80
C GLN C 21 37.91 -7.96 27.52
N PRO C 22 38.57 -8.65 28.48
CA PRO C 22 39.64 -7.97 29.20
C PRO C 22 40.82 -7.72 28.26
N GLN C 23 41.26 -8.74 27.55
CA GLN C 23 42.28 -8.58 26.49
C GLN C 23 41.61 -8.75 25.13
N TYR C 24 42.17 -8.14 24.09
CA TYR C 24 41.79 -8.42 22.70
C TYR C 24 43.07 -8.68 21.88
N GLN C 25 43.11 -9.86 21.24
CA GLN C 25 44.30 -10.28 20.43
C GLN C 25 43.91 -10.44 18.95
N PHE C 26 44.89 -10.70 18.10
CA PHE C 26 44.71 -10.83 16.65
C PHE C 26 43.61 -11.84 16.30
N ARG C 27 42.70 -11.44 15.40
CA ARG C 27 41.53 -12.21 14.96
C ARG C 27 40.29 -12.06 15.85
N ASP C 28 40.44 -11.40 17.00
CA ASP C 28 39.30 -11.13 17.83
C ASP C 28 38.52 -9.99 17.26
N TYR C 29 37.30 -9.79 17.81
CA TYR C 29 36.44 -8.73 17.39
C TYR C 29 35.50 -8.30 18.52
N PHE C 30 34.99 -7.08 18.40
CA PHE C 30 33.86 -6.67 19.26
C PHE C 30 32.75 -6.01 18.44
N ILE C 31 31.52 -6.16 18.91
CA ILE C 31 30.34 -5.53 18.31
C ILE C 31 29.90 -4.34 19.16
N ALA C 32 29.53 -3.26 18.51
CA ALA C 32 28.92 -2.10 19.19
C ALA C 32 27.47 -1.97 18.76
N THR C 33 26.59 -1.71 19.72
CA THR C 33 25.18 -1.40 19.48
C THR C 33 24.84 -0.14 20.31
N CYS C 34 23.56 0.21 20.35
CA CYS C 34 23.10 1.39 21.11
C CYS C 34 21.97 1.05 22.07
N LYS C 35 21.65 1.98 22.97
CA LYS C 35 20.53 1.85 23.85
C LYS C 35 19.25 2.10 23.04
N GLN C 36 18.14 1.51 23.50
CA GLN C 36 16.81 1.73 22.90
C GLN C 36 16.60 3.15 22.37
N GLY C 37 16.54 3.28 21.07
CA GLY C 37 16.12 4.52 20.46
C GLY C 37 17.26 5.31 19.90
N TYR C 38 18.47 4.75 19.97
CA TYR C 38 19.69 5.39 19.44
C TYR C 38 20.26 4.53 18.33
N GLN C 39 20.95 5.17 17.38
CA GLN C 39 21.53 4.47 16.25
C GLN C 39 23.03 4.78 16.07
N LEU C 40 23.74 3.84 15.46
CA LEU C 40 25.16 3.95 15.21
C LEU C 40 25.44 4.99 14.13
N ILE C 41 26.40 5.89 14.36
CA ILE C 41 26.77 6.92 13.36
C ILE C 41 28.27 6.96 13.15
N GLU C 42 28.69 7.15 11.92
CA GLU C 42 30.11 7.26 11.53
C GLU C 42 30.18 8.32 10.43
N GLY C 43 30.84 9.44 10.72
CA GLY C 43 30.77 10.61 9.86
C GLY C 43 29.33 11.11 9.85
N ASN C 44 28.83 11.42 8.65
CA ASN C 44 27.45 11.80 8.50
C ASN C 44 26.57 10.60 8.13
N GLN C 45 27.02 9.37 8.40
CA GLN C 45 26.32 8.16 7.94
C GLN C 45 25.84 7.23 9.06
N VAL C 46 24.60 6.76 8.93
CA VAL C 46 23.96 5.84 9.85
C VAL C 46 24.34 4.40 9.51
N LEU C 47 24.56 3.59 10.54
CA LEU C 47 24.97 2.18 10.38
C LEU C 47 23.95 1.20 10.97
N HIS C 48 23.86 0.04 10.32
CA HIS C 48 22.94 -1.02 10.77
C HIS C 48 23.65 -1.84 11.87
N SER C 49 24.95 -1.97 11.76
CA SER C 49 25.71 -2.71 12.74
C SER C 49 27.12 -2.21 12.78
N PHE C 50 27.89 -2.69 13.71
CA PHE C 50 29.33 -2.36 13.80
C PHE C 50 30.15 -3.44 14.43
N THR C 51 31.12 -3.90 13.65
CA THR C 51 32.11 -4.83 14.14
C THR C 51 33.50 -4.22 13.94
N ALA C 52 34.33 -4.37 14.93
CA ALA C 52 35.75 -3.99 14.81
C ALA C 52 36.54 -5.27 14.92
N VAL C 53 37.58 -5.38 14.10
CA VAL C 53 38.39 -6.61 14.01
C VAL C 53 39.83 -6.28 14.33
N CYS C 54 40.37 -6.95 15.33
CA CYS C 54 41.74 -6.74 15.75
C CYS C 54 42.70 -7.37 14.74
N GLN C 55 43.37 -6.52 13.95
CA GLN C 55 44.23 -6.95 12.86
C GLN C 55 45.61 -7.42 13.39
N ASP C 56 46.41 -7.99 12.53
CA ASP C 56 47.70 -8.64 12.94
C ASP C 56 48.76 -7.68 13.51
N ASP C 57 48.60 -6.38 13.28
CA ASP C 57 49.55 -5.36 13.71
C ASP C 57 49.15 -4.61 14.97
N GLY C 58 48.21 -5.17 15.74
CA GLY C 58 47.77 -4.58 17.01
C GLY C 58 46.72 -3.48 16.85
N THR C 59 46.29 -3.18 15.64
CA THR C 59 45.31 -2.12 15.42
C THR C 59 43.91 -2.68 15.06
N TRP C 60 42.89 -1.96 15.50
CA TRP C 60 41.52 -2.21 15.12
C TRP C 60 41.37 -1.77 13.68
N HIS C 61 40.68 -2.55 12.85
CA HIS C 61 40.55 -2.21 11.42
C HIS C 61 39.64 -0.99 11.21
N ARG C 62 38.95 -0.54 12.27
CA ARG C 62 37.93 0.46 12.15
C ARG C 62 37.67 1.26 13.44
N ALA C 63 37.40 2.54 13.29
CA ALA C 63 37.27 3.44 14.43
C ALA C 63 35.87 3.44 15.04
N MET C 64 35.81 3.41 16.37
CA MET C 64 34.56 3.42 17.13
C MET C 64 33.59 4.44 16.61
N PRO C 65 32.33 4.04 16.36
CA PRO C 65 31.28 4.96 15.95
C PRO C 65 30.68 5.72 17.16
N ARG C 66 29.55 6.38 16.94
CA ARG C 66 28.80 7.02 18.02
C ARG C 66 27.32 6.55 17.99
N CYS C 67 26.63 6.70 19.09
CA CYS C 67 25.21 6.45 19.12
C CYS C 67 24.47 7.75 19.29
N LYS C 68 23.74 8.14 18.26
CA LYS C 68 22.95 9.36 18.26
C LYS C 68 21.44 9.01 18.30
N ILE C 69 20.68 9.92 18.89
CA ILE C 69 19.25 9.75 19.05
C ILE C 69 18.57 9.58 17.69
N LYS C 70 17.63 8.64 17.60
CA LYS C 70 16.92 8.35 16.34
C LYS C 70 15.89 9.48 16.05
N ASP C 71 15.72 9.82 14.75
CA ASP C 71 14.81 10.86 14.30
C ASP C 71 13.79 10.27 13.33
N CYS C 72 12.51 10.34 13.68
CA CYS C 72 11.43 9.71 12.90
C CYS C 72 11.05 10.47 11.62
N GLY C 73 11.63 11.66 11.41
CA GLY C 73 11.29 12.47 10.26
C GLY C 73 10.07 13.30 10.50
N GLN C 74 9.66 14.10 9.50
CA GLN C 74 8.41 14.81 9.52
C GLN C 74 7.29 13.76 9.54
N PRO C 75 6.27 13.90 10.42
CA PRO C 75 5.10 13.03 10.36
C PRO C 75 4.43 13.08 8.98
N ARG C 76 3.88 11.97 8.54
CA ARG C 76 3.11 11.93 7.30
C ARG C 76 1.95 12.91 7.34
N ASN C 77 1.71 13.61 6.21
CA ASN C 77 0.57 14.54 6.17
C ASN C 77 -0.76 13.75 6.22
N LEU C 78 -1.74 14.35 6.86
CA LEU C 78 -3.08 13.79 6.99
C LEU C 78 -4.04 14.56 6.07
N PRO C 79 -4.45 13.95 4.98
CA PRO C 79 -5.53 14.54 4.17
C PRO C 79 -6.73 14.97 5.00
N ASN C 80 -7.03 16.30 4.96
CA ASN C 80 -8.16 16.88 5.66
C ASN C 80 -8.01 16.87 7.18
N GLY C 81 -6.76 16.84 7.59
CA GLY C 81 -6.43 16.96 9.01
C GLY C 81 -5.08 17.62 9.18
N ASP C 82 -4.50 17.45 10.37
CA ASP C 82 -3.24 18.01 10.72
C ASP C 82 -2.74 17.27 11.97
N PHE C 83 -1.73 17.84 12.64
CA PHE C 83 -1.25 17.33 13.93
C PHE C 83 -0.65 18.43 14.74
N ARG C 84 -0.67 18.24 16.06
CA ARG C 84 0.00 19.14 16.96
C ARG C 84 0.97 18.33 17.83
N TYR C 85 2.03 18.97 18.28
CA TYR C 85 2.98 18.37 19.16
C TYR C 85 2.53 18.44 20.61
N THR C 86 2.51 17.31 21.30
CA THR C 86 2.31 17.28 22.75
C THR C 86 3.68 17.58 23.41
N THR C 87 4.71 17.54 22.57
CA THR C 87 6.12 17.46 22.95
C THR C 87 6.77 18.71 22.33
N THR C 88 8.06 18.92 22.49
CA THR C 88 8.71 20.13 21.96
C THR C 88 8.38 20.37 20.47
N MET C 89 7.88 21.55 20.16
CA MET C 89 7.47 21.95 18.81
C MET C 89 8.58 21.64 17.78
N GLY C 90 8.27 20.77 16.84
CA GLY C 90 9.18 20.46 15.73
C GLY C 90 10.17 19.32 15.97
N VAL C 91 10.22 18.81 17.20
CA VAL C 91 11.20 17.75 17.52
C VAL C 91 10.67 16.40 17.18
N ASN C 92 11.30 15.75 16.21
CA ASN C 92 10.93 14.44 15.68
C ASN C 92 11.84 13.30 16.13
N THR C 93 12.30 13.35 17.38
CA THR C 93 13.24 12.38 17.94
C THR C 93 12.57 11.31 18.77
N TYR C 94 13.33 10.32 19.22
CA TYR C 94 12.82 9.23 20.05
C TYR C 94 12.07 9.76 21.24
N LYS C 95 10.84 9.24 21.44
CA LYS C 95 9.93 9.58 22.54
C LYS C 95 9.10 10.87 22.28
N ALA C 96 9.30 11.52 21.15
CA ALA C 96 8.47 12.63 20.75
C ALA C 96 7.01 12.17 20.59
N ARG C 97 6.07 13.10 20.69
CA ARG C 97 4.65 12.76 20.62
C ARG C 97 3.85 13.78 19.81
N ILE C 98 3.03 13.31 18.88
CA ILE C 98 2.08 14.16 18.16
C ILE C 98 0.69 13.61 18.32
N GLN C 99 -0.31 14.49 18.14
CA GLN C 99 -1.70 14.10 18.11
C GLN C 99 -2.32 14.60 16.80
N TYR C 100 -2.68 13.68 15.94
CA TYR C 100 -3.43 13.99 14.71
C TYR C 100 -4.85 14.44 15.11
N TYR C 101 -5.47 15.26 14.25
CA TYR C 101 -6.86 15.64 14.39
C TYR C 101 -7.45 15.97 13.02
N CYS C 102 -8.77 15.85 12.86
CA CYS C 102 -9.43 16.12 11.61
C CYS C 102 -10.07 17.53 11.55
N HIS C 103 -10.30 18.06 10.36
CA HIS C 103 -10.92 19.34 10.17
C HIS C 103 -12.43 19.25 10.44
N GLU C 104 -12.74 19.19 11.74
CA GLU C 104 -14.08 19.15 12.24
C GLU C 104 -14.68 20.56 12.05
N PRO C 105 -16.00 20.65 11.92
CA PRO C 105 -16.97 19.59 11.88
C PRO C 105 -17.19 18.98 10.47
N TYR C 106 -16.34 19.36 9.50
CA TYR C 106 -16.60 18.96 8.12
C TYR C 106 -16.12 17.57 7.81
N TYR C 107 -15.02 17.15 8.47
CA TYR C 107 -14.57 15.77 8.45
C TYR C 107 -14.47 15.27 9.88
N LYS C 108 -14.48 13.94 10.00
CA LYS C 108 -14.42 13.29 11.32
C LYS C 108 -13.43 12.11 11.23
N MET C 109 -12.64 11.93 12.29
CA MET C 109 -11.65 10.84 12.30
C MET C 109 -12.31 9.49 12.36
N GLN C 110 -11.92 8.60 11.45
CA GLN C 110 -12.40 7.22 11.47
C GLN C 110 -11.96 6.55 12.74
N THR C 111 -12.77 5.65 13.28
CA THR C 111 -12.54 5.14 14.67
C THR C 111 -12.76 3.63 14.84
N ARG C 112 -12.19 3.12 15.94
CA ARG C 112 -12.21 1.70 16.29
CA ARG C 112 -12.21 1.70 16.27
C ARG C 112 -11.73 0.93 15.02
N GLU C 117 -10.45 2.63 20.53
CA GLU C 117 -10.12 2.97 21.91
C GLU C 117 -9.61 4.43 22.03
N SER C 118 -10.52 5.39 22.13
CA SER C 118 -10.19 6.83 22.23
C SER C 118 -9.70 7.22 23.65
N GLU C 119 -8.76 8.18 23.81
CA GLU C 119 -8.19 9.00 22.70
C GLU C 119 -6.97 8.32 22.03
N GLN C 120 -7.02 8.29 20.70
CA GLN C 120 -5.87 7.83 19.93
C GLN C 120 -5.97 8.26 18.46
N GLY C 121 -5.67 9.53 18.23
CA GLY C 121 -4.92 9.97 17.05
C GLY C 121 -3.49 10.20 17.51
N VAL C 122 -3.07 9.52 18.59
CA VAL C 122 -1.80 9.77 19.26
C VAL C 122 -0.71 8.92 18.64
N TYR C 123 0.39 9.56 18.27
CA TYR C 123 1.52 8.90 17.64
C TYR C 123 2.81 9.32 18.31
N THR C 124 3.52 8.36 18.89
CA THR C 124 4.81 8.60 19.51
C THR C 124 5.91 8.09 18.59
N CYS C 125 7.09 8.70 18.70
CA CYS C 125 8.21 8.33 17.87
C CYS C 125 9.03 7.26 18.60
N THR C 126 8.91 6.01 18.15
CA THR C 126 9.34 4.84 18.91
C THR C 126 10.76 4.45 18.67
N ALA C 127 11.25 3.51 19.46
CA ALA C 127 12.61 2.97 19.35
C ALA C 127 13.03 2.56 17.91
N GLN C 128 12.08 2.13 17.10
CA GLN C 128 12.36 1.76 15.72
C GLN C 128 12.53 2.98 14.81
N GLY C 129 12.40 4.17 15.38
CA GLY C 129 12.53 5.40 14.60
C GLY C 129 11.48 5.59 13.51
N ILE C 130 10.29 5.08 13.79
CA ILE C 130 9.11 5.42 12.98
C ILE C 130 7.91 5.76 13.90
N TRP C 131 7.11 6.75 13.46
CA TRP C 131 5.88 7.17 14.17
C TRP C 131 4.88 6.06 14.20
N LYS C 132 4.37 5.75 15.37
CA LYS C 132 3.40 4.64 15.56
C LYS C 132 2.38 4.99 16.62
N ASN C 133 1.14 4.52 16.39
CA ASN C 133 0.05 4.57 17.30
C ASN C 133 -0.09 3.24 18.01
N GLU C 134 -0.37 3.23 19.32
CA GLU C 134 -0.59 1.94 19.99
C GLU C 134 -1.56 1.07 19.22
N GLN C 135 -2.83 1.46 19.19
CA GLN C 135 -3.81 0.80 18.27
C GLN C 135 -3.35 0.67 16.83
N LYS C 136 -3.23 1.77 16.11
CA LYS C 136 -3.14 1.68 14.64
C LYS C 136 -1.80 1.21 14.03
N GLY C 137 -0.70 1.45 14.69
CA GLY C 137 0.60 1.15 14.11
C GLY C 137 1.20 2.32 13.33
N GLU C 138 1.87 1.99 12.23
CA GLU C 138 2.44 3.03 11.35
C GLU C 138 1.38 3.71 10.50
N LYS C 139 0.28 3.02 10.20
CA LYS C 139 -0.70 3.61 9.32
C LYS C 139 -1.37 4.81 10.00
N ILE C 140 -1.39 5.93 9.28
CA ILE C 140 -1.94 7.19 9.78
C ILE C 140 -3.46 7.15 9.84
N PRO C 141 -4.08 8.11 10.57
CA PRO C 141 -5.55 8.12 10.60
C PRO C 141 -6.21 8.52 9.29
N ARG C 142 -7.53 8.39 9.26
CA ARG C 142 -8.28 8.73 8.08
C ARG C 142 -9.41 9.67 8.47
N CYS C 143 -9.49 10.79 7.77
CA CYS C 143 -10.60 11.75 8.01
C CYS C 143 -11.67 11.54 6.97
N LEU C 144 -12.92 11.45 7.41
CA LEU C 144 -14.00 11.13 6.48
C LEU C 144 -15.02 12.27 6.45
N PRO C 145 -15.63 12.47 5.27
CA PRO C 145 -16.69 13.47 5.18
C PRO C 145 -17.77 13.27 6.24
N VAL C 146 -18.34 14.38 6.72
CA VAL C 146 -19.48 14.35 7.61
C VAL C 146 -20.70 14.88 6.86
N CYS C 147 -21.78 14.07 6.85
CA CYS C 147 -22.92 14.34 6.02
C CYS C 147 -24.09 14.94 6.82
N GLY C 148 -24.92 15.74 6.14
CA GLY C 148 -26.15 16.27 6.76
C GLY C 148 -26.05 17.25 7.91
N LYS C 149 -24.89 17.86 8.11
CA LYS C 149 -24.72 18.81 9.23
C LYS C 149 -24.32 20.19 8.68
N PRO C 150 -25.28 20.87 8.04
CA PRO C 150 -24.92 22.21 7.50
C PRO C 150 -24.63 23.18 8.63
N VAL C 151 -23.70 24.11 8.38
CA VAL C 151 -23.31 25.06 9.42
C VAL C 151 -24.29 26.24 9.40
N ASN C 152 -24.89 26.54 8.25
CA ASN C 152 -25.98 27.56 8.20
C ASN C 152 -27.34 27.01 7.75
N PRO C 153 -27.91 26.09 8.53
CA PRO C 153 -29.15 25.43 8.11
C PRO C 153 -30.41 26.30 8.19
N VAL C 154 -31.39 25.96 7.38
CA VAL C 154 -32.65 26.74 7.21
C VAL C 154 -33.61 26.62 8.40
N GLU C 155 -33.63 25.41 8.99
CA GLU C 155 -34.23 25.18 10.29
C GLU C 155 -33.21 24.34 11.11
N GLN C 156 -33.16 24.54 12.40
CA GLN C 156 -32.44 23.62 13.28
C GLN C 156 -32.90 23.67 14.71
N ARG C 157 -32.69 22.54 15.41
CA ARG C 157 -33.11 22.47 16.81
C ARG C 157 -32.23 23.36 17.69
N GLN C 158 -32.79 23.76 18.82
CA GLN C 158 -32.32 24.88 19.60
C GLN C 158 -32.71 24.59 21.02
N ARG C 159 -31.86 24.92 22.00
CA ARG C 159 -32.19 24.62 23.37
C ARG C 159 -33.46 25.40 23.74
N ILE D 1 -37.57 26.50 -9.59
CA ILE D 1 -38.42 26.47 -8.37
C ILE D 1 -39.44 27.59 -8.42
N ILE D 2 -40.70 27.24 -8.28
CA ILE D 2 -41.81 28.20 -8.28
C ILE D 2 -42.32 28.42 -6.85
N GLY D 3 -42.72 29.61 -6.54
CA GLY D 3 -43.24 29.99 -5.22
C GLY D 3 -42.20 29.86 -4.10
N GLY D 4 -40.91 29.89 -4.48
CA GLY D 4 -39.84 29.73 -3.52
C GLY D 4 -39.21 31.05 -3.12
N GLN D 5 -38.15 30.96 -2.29
CA GLN D 5 -37.29 32.07 -1.89
C GLN D 5 -35.85 31.80 -2.27
N LYS D 6 -35.05 32.84 -2.32
CA LYS D 6 -33.62 32.74 -2.51
C LYS D 6 -32.94 31.99 -1.36
N ALA D 7 -32.17 30.95 -1.69
CA ALA D 7 -31.32 30.28 -0.73
C ALA D 7 -30.20 31.19 -0.25
N LYS D 8 -29.78 31.08 1.00
CA LYS D 8 -28.61 31.78 1.48
C LYS D 8 -27.41 30.84 1.52
N MET D 9 -26.19 31.39 1.59
CA MET D 9 -24.98 30.58 1.55
C MET D 9 -24.89 29.69 2.77
N GLY D 10 -24.82 28.39 2.53
CA GLY D 10 -24.70 27.44 3.61
C GLY D 10 -25.98 26.67 3.90
N ASN D 11 -27.12 27.12 3.33
CA ASN D 11 -28.40 26.46 3.53
C ASN D 11 -28.44 25.05 2.94
N PHE D 12 -28.02 24.91 1.67
CA PHE D 12 -28.09 23.65 0.97
C PHE D 12 -26.72 23.35 0.35
N PRO D 13 -25.73 23.10 1.20
CA PRO D 13 -24.30 22.97 0.84
C PRO D 13 -24.00 21.77 0.00
N TRP D 14 -24.99 20.90 -0.19
CA TRP D 14 -24.85 19.71 -1.04
C TRP D 14 -25.31 19.95 -2.47
N GLN D 15 -25.95 21.11 -2.71
CA GLN D 15 -26.63 21.32 -3.98
C GLN D 15 -25.62 21.39 -5.10
N VAL D 16 -25.96 20.80 -6.22
CA VAL D 16 -25.09 20.71 -7.39
C VAL D 16 -25.83 21.36 -8.53
N PHE D 17 -25.03 22.00 -9.44
CA PHE D 17 -25.54 22.57 -10.67
C PHE D 17 -24.93 21.77 -11.81
N THR D 18 -25.78 21.21 -12.66
CA THR D 18 -25.32 20.59 -13.90
C THR D 18 -25.87 21.30 -15.12
N ASN D 19 -25.11 21.19 -16.23
CA ASN D 19 -25.56 21.68 -17.51
C ASN D 19 -25.13 20.65 -18.55
N ILE D 20 -25.93 19.59 -18.71
CA ILE D 20 -25.61 18.50 -19.58
C ILE D 20 -26.42 18.66 -20.89
N HIS D 21 -27.73 18.46 -20.81
CA HIS D 21 -28.62 18.72 -21.93
C HIS D 21 -29.53 19.89 -21.54
N GLY D 22 -28.94 20.88 -20.90
CA GLY D 22 -29.74 21.89 -20.20
C GLY D 22 -29.51 21.81 -18.71
N ARG D 23 -30.04 22.83 -18.02
CA ARG D 23 -29.86 22.97 -16.59
C ARG D 23 -30.45 21.78 -15.84
N GLY D 24 -29.79 21.41 -14.75
CA GLY D 24 -30.28 20.38 -13.87
C GLY D 24 -29.59 20.45 -12.52
N GLY D 25 -30.03 19.62 -11.58
CA GLY D 25 -29.42 19.62 -10.25
C GLY D 25 -28.92 18.30 -9.79
N GLY D 26 -28.31 18.29 -8.60
CA GLY D 26 -27.84 17.07 -7.96
C GLY D 26 -27.48 17.32 -6.53
N ALA D 27 -27.03 16.26 -5.82
CA ALA D 27 -26.59 16.40 -4.41
C ALA D 27 -25.25 15.68 -4.17
N LEU D 28 -24.33 16.38 -3.51
CA LEU D 28 -23.04 15.82 -3.12
C LEU D 28 -23.23 14.71 -2.09
N LEU D 29 -22.64 13.53 -2.36
CA LEU D 29 -22.50 12.48 -1.38
C LEU D 29 -21.03 12.23 -1.16
N GLY D 30 -20.62 12.13 0.07
CA GLY D 30 -19.22 12.03 0.40
C GLY D 30 -18.46 13.28 -0.04
N ASP D 31 -17.25 13.12 -0.51
CA ASP D 31 -16.52 14.27 -1.08
C ASP D 31 -16.15 14.06 -2.57
N ARG D 32 -16.83 13.11 -3.22
CA ARG D 32 -16.57 12.88 -4.63
C ARG D 32 -17.67 12.14 -5.38
N TRP D 33 -18.91 12.15 -4.87
CA TRP D 33 -19.98 11.56 -5.63
C TRP D 33 -21.13 12.51 -5.70
N ILE D 34 -21.79 12.51 -6.84
CA ILE D 34 -22.96 13.30 -7.06
C ILE D 34 -24.12 12.41 -7.40
N LEU D 35 -25.19 12.54 -6.65
CA LEU D 35 -26.46 11.82 -6.92
C LEU D 35 -27.33 12.73 -7.77
N THR D 36 -28.01 12.18 -8.78
CA THR D 36 -28.98 12.94 -9.53
C THR D 36 -29.95 12.03 -10.21
N ALA D 37 -30.80 12.58 -11.11
CA ALA D 37 -31.77 11.78 -11.85
C ALA D 37 -31.17 11.34 -13.19
N ALA D 38 -31.43 10.08 -13.54
CA ALA D 38 -30.95 9.50 -14.81
C ALA D 38 -31.46 10.22 -16.06
N HIS D 39 -32.63 10.84 -15.99
CA HIS D 39 -33.22 11.47 -17.19
C HIS D 39 -32.45 12.74 -17.57
N THR D 40 -31.77 13.29 -16.60
CA THR D 40 -30.78 14.36 -16.75
C THR D 40 -29.58 14.02 -17.68
N LEU D 41 -29.25 12.73 -17.76
CA LEU D 41 -28.16 12.28 -18.59
C LEU D 41 -28.70 11.65 -19.90
N TYR D 42 -29.85 11.01 -19.79
CA TYR D 42 -30.46 10.32 -20.92
C TYR D 42 -31.91 10.81 -20.95
N PRO D 43 -32.17 11.96 -21.58
CA PRO D 43 -33.50 12.56 -21.63
C PRO D 43 -34.52 11.77 -22.43
N LYS D 44 -35.80 12.04 -22.16
CA LYS D 44 -36.91 11.34 -22.80
C LYS D 44 -37.08 11.76 -24.25
N GLU D 45 -37.29 13.04 -24.49
CA GLU D 45 -37.62 13.53 -25.84
C GLU D 45 -36.44 13.48 -26.80
N HIS D 46 -35.29 13.99 -26.33
CA HIS D 46 -34.06 14.14 -27.12
C HIS D 46 -32.84 14.22 -26.19
N SER D 50 -28.48 17.62 -30.34
CA SER D 50 -27.33 18.26 -29.74
C SER D 50 -26.71 17.35 -28.68
N ASN D 51 -25.37 17.49 -28.55
CA ASN D 51 -24.55 16.43 -27.88
C ASN D 51 -23.80 16.92 -26.64
N ALA D 52 -23.81 16.07 -25.61
CA ALA D 52 -23.80 16.56 -24.25
C ALA D 52 -22.52 16.32 -23.44
N SER D 53 -22.02 17.40 -22.89
CA SER D 53 -20.88 17.43 -21.95
C SER D 53 -21.35 17.25 -20.50
N LEU D 54 -20.57 16.62 -19.65
CA LEU D 54 -20.90 16.46 -18.23
C LEU D 54 -20.37 17.69 -17.47
N ASP D 55 -21.17 18.72 -17.46
CA ASP D 55 -20.77 19.98 -16.82
C ASP D 55 -21.38 20.09 -15.45
N VAL D 56 -20.52 20.29 -14.47
CA VAL D 56 -20.87 20.12 -13.06
C VAL D 56 -20.12 21.14 -12.20
N PHE D 57 -20.92 22.01 -11.53
CA PHE D 57 -20.43 23.11 -10.72
C PHE D 57 -20.95 23.00 -9.31
N LEU D 58 -20.11 23.32 -8.32
CA LEU D 58 -20.43 23.14 -6.90
C LEU D 58 -20.00 24.34 -6.05
N GLY D 59 -20.59 24.40 -4.86
CA GLY D 59 -20.02 25.24 -3.80
C GLY D 59 -20.41 26.69 -3.73
N HIS D 60 -21.55 27.08 -4.31
CA HIS D 60 -22.07 28.44 -4.23
C HIS D 60 -23.54 28.51 -4.67
N THR D 61 -24.23 29.54 -4.27
CA THR D 61 -25.66 29.70 -4.57
C THR D 61 -25.92 30.56 -5.78
N ASN D 62 -24.94 31.36 -6.23
CA ASN D 62 -25.13 32.25 -7.36
C ASN D 62 -24.56 31.59 -8.62
N VAL D 63 -25.41 31.37 -9.63
CA VAL D 63 -24.99 30.64 -10.82
C VAL D 63 -23.69 31.14 -11.44
N GLU D 64 -23.42 32.41 -11.26
CA GLU D 64 -22.29 33.06 -11.99
CA GLU D 64 -22.34 32.97 -11.98
C GLU D 64 -21.04 32.74 -11.18
N GLU D 65 -21.16 32.85 -9.86
CA GLU D 65 -20.06 32.48 -8.96
C GLU D 65 -19.75 30.99 -8.99
N LEU D 66 -20.78 30.14 -9.06
CA LEU D 66 -20.60 28.69 -9.24
C LEU D 66 -19.75 28.34 -10.43
N MET D 67 -20.06 28.98 -11.55
CA MET D 67 -19.29 28.77 -12.77
C MET D 67 -17.84 29.25 -12.61
N LYS D 68 -17.65 30.38 -11.92
CA LYS D 68 -16.30 30.91 -11.76
C LYS D 68 -15.41 30.02 -10.90
N LEU D 69 -16.05 29.26 -9.99
CA LEU D 69 -15.32 28.36 -9.10
C LEU D 69 -14.76 27.18 -9.90
N GLY D 70 -15.36 26.86 -11.02
CA GLY D 70 -14.77 25.96 -12.00
C GLY D 70 -15.54 24.66 -12.09
N ASN D 71 -15.52 24.05 -13.29
CA ASN D 71 -16.16 22.76 -13.49
C ASN D 71 -15.43 21.69 -12.75
N HIS D 72 -16.18 20.68 -12.37
CA HIS D 72 -15.65 19.53 -11.69
C HIS D 72 -15.79 18.30 -12.61
N PRO D 73 -14.70 17.93 -13.28
CA PRO D 73 -14.67 16.81 -14.22
C PRO D 73 -15.23 15.50 -13.66
N ILE D 74 -16.03 14.82 -14.44
CA ILE D 74 -16.63 13.54 -14.06
C ILE D 74 -15.87 12.38 -14.64
N ARG D 75 -15.32 11.56 -13.75
CA ARG D 75 -14.59 10.35 -14.09
C ARG D 75 -15.52 9.21 -14.53
N ARG D 76 -16.70 9.12 -13.99
CA ARG D 76 -17.56 8.00 -14.26
C ARG D 76 -19.02 8.29 -14.01
N VAL D 77 -19.87 7.57 -14.74
CA VAL D 77 -21.33 7.68 -14.63
C VAL D 77 -21.95 6.30 -14.42
N SER D 78 -22.84 6.20 -13.46
CA SER D 78 -23.61 4.97 -13.30
C SER D 78 -25.07 5.34 -13.37
N VAL D 79 -25.76 4.81 -14.40
CA VAL D 79 -27.22 4.91 -14.51
C VAL D 79 -27.82 3.62 -14.02
N HIS D 80 -28.86 3.72 -13.22
CA HIS D 80 -29.50 2.54 -12.63
C HIS D 80 -30.08 1.67 -13.73
N PRO D 81 -29.93 0.33 -13.62
CA PRO D 81 -30.40 -0.54 -14.72
C PRO D 81 -31.86 -0.50 -15.12
N ASP D 82 -32.75 -0.02 -14.24
CA ASP D 82 -34.20 -0.06 -14.50
C ASP D 82 -34.68 1.13 -15.31
N TYR D 83 -33.87 2.15 -15.46
CA TYR D 83 -34.28 3.31 -16.26
C TYR D 83 -34.42 2.98 -17.74
N ARG D 84 -35.44 3.55 -18.33
CA ARG D 84 -35.75 3.37 -19.75
C ARG D 84 -35.86 4.70 -20.48
N GLN D 85 -34.75 5.12 -21.09
CA GLN D 85 -34.77 6.32 -21.92
C GLN D 85 -35.94 6.39 -22.91
N ASP D 86 -36.25 5.26 -23.58
CA ASP D 86 -37.18 5.27 -24.72
C ASP D 86 -38.65 5.27 -24.28
N GLU D 87 -38.94 5.01 -23.00
CA GLU D 87 -40.31 5.01 -22.51
C GLU D 87 -40.66 6.36 -21.90
N SER D 88 -41.58 7.07 -22.56
CA SER D 88 -41.88 8.48 -22.30
C SER D 88 -42.60 8.74 -20.98
N TYR D 89 -43.42 7.78 -20.51
CA TYR D 89 -44.23 7.95 -19.32
C TYR D 89 -43.87 6.89 -18.28
N ASN D 90 -42.57 6.64 -18.13
CA ASN D 90 -42.10 5.68 -17.16
C ASN D 90 -40.73 6.11 -16.65
N PHE D 91 -40.72 6.75 -15.49
CA PHE D 91 -39.52 7.24 -14.85
C PHE D 91 -39.03 6.28 -13.75
N GLU D 92 -39.40 4.99 -13.82
CA GLU D 92 -38.88 4.01 -12.90
C GLU D 92 -37.37 4.06 -12.91
N GLY D 93 -36.72 4.13 -11.76
CA GLY D 93 -35.28 4.02 -11.72
C GLY D 93 -34.61 5.25 -12.24
N ASP D 94 -35.25 6.40 -12.09
CA ASP D 94 -34.73 7.67 -12.57
C ASP D 94 -33.75 8.12 -11.52
N ILE D 95 -32.55 7.51 -11.56
CA ILE D 95 -31.54 7.82 -10.60
C ILE D 95 -30.17 7.48 -11.20
N ALA D 96 -29.23 8.37 -11.02
CA ALA D 96 -27.89 8.12 -11.52
C ALA D 96 -26.87 8.64 -10.55
N LEU D 97 -25.61 8.36 -10.83
CA LEU D 97 -24.55 8.62 -9.90
C LEU D 97 -23.34 9.10 -10.72
N LEU D 98 -22.80 10.25 -10.36
CA LEU D 98 -21.63 10.79 -11.04
C LEU D 98 -20.41 10.75 -10.12
N GLU D 99 -19.27 10.31 -10.63
CA GLU D 99 -18.04 10.26 -9.84
C GLU D 99 -17.10 11.31 -10.32
N LEU D 100 -16.65 12.14 -9.41
CA LEU D 100 -15.69 13.19 -9.71
C LEU D 100 -14.29 12.59 -9.91
N GLU D 101 -13.54 13.13 -10.88
CA GLU D 101 -12.17 12.74 -11.10
C GLU D 101 -11.35 13.11 -9.86
N ASN D 102 -11.65 14.26 -9.26
CA ASN D 102 -11.00 14.65 -8.00
C ASN D 102 -12.04 14.94 -6.91
N SER D 103 -11.75 14.51 -5.69
CA SER D 103 -12.61 14.82 -4.57
C SER D 103 -12.54 16.34 -4.32
N VAL D 104 -13.60 16.87 -3.77
CA VAL D 104 -13.72 18.27 -3.48
C VAL D 104 -13.35 18.48 -2.03
N THR D 105 -12.77 19.65 -1.69
CA THR D 105 -12.53 19.98 -0.29
C THR D 105 -13.80 20.45 0.34
N LEU D 106 -14.12 19.92 1.52
CA LEU D 106 -15.33 20.33 2.24
C LEU D 106 -15.17 21.63 3.04
N GLY D 107 -16.28 22.28 3.34
CA GLY D 107 -16.30 23.53 4.10
C GLY D 107 -17.70 24.01 4.42
N PRO D 108 -17.85 25.25 4.87
CA PRO D 108 -19.17 25.75 5.26
C PRO D 108 -20.14 25.88 4.12
N ASN D 109 -19.65 25.97 2.90
CA ASN D 109 -20.51 26.11 1.72
C ASN D 109 -20.57 24.86 0.85
N LEU D 110 -19.88 23.80 1.26
CA LEU D 110 -19.82 22.53 0.50
C LEU D 110 -19.70 21.29 1.41
N LEU D 111 -20.79 20.56 1.54
CA LEU D 111 -20.93 19.44 2.47
C LEU D 111 -21.94 18.49 1.89
N PRO D 112 -21.75 17.18 2.02
CA PRO D 112 -22.67 16.21 1.45
C PRO D 112 -23.93 15.99 2.29
N ILE D 113 -24.90 15.33 1.68
CA ILE D 113 -26.15 15.01 2.34
C ILE D 113 -26.14 13.53 2.70
N CYS D 114 -26.76 13.16 3.79
CA CYS D 114 -26.87 11.75 4.13
C CYS D 114 -27.94 11.06 3.33
N LEU D 115 -27.85 9.74 3.27
CA LEU D 115 -28.85 8.88 2.66
C LEU D 115 -29.82 8.38 3.73
N PRO D 116 -31.07 8.04 3.33
CA PRO D 116 -32.06 7.63 4.33
C PRO D 116 -31.90 6.14 4.70
N ASP D 117 -32.31 5.80 5.90
CA ASP D 117 -32.12 4.41 6.38
C ASP D 117 -33.45 3.77 6.81
N ASN D 118 -34.55 4.49 6.71
CA ASN D 118 -35.85 3.90 7.09
C ASN D 118 -37.05 4.59 6.42
N ASP D 119 -38.22 3.94 6.51
CA ASP D 119 -39.40 4.35 5.75
C ASP D 119 -40.18 5.53 6.33
N THR D 120 -39.81 5.97 7.54
CA THR D 120 -40.56 7.07 8.18
C THR D 120 -40.23 8.41 7.54
N PHE D 121 -39.14 8.46 6.77
CA PHE D 121 -38.88 9.61 5.92
C PHE D 121 -39.93 9.84 4.83
N TYR D 122 -40.90 8.95 4.74
CA TYR D 122 -41.91 9.07 3.68
C TYR D 122 -43.33 9.15 4.25
N ASP D 123 -43.44 9.57 5.51
CA ASP D 123 -44.75 9.63 6.17
C ASP D 123 -45.64 10.77 5.66
N LEU D 124 -46.97 10.54 5.69
CA LEU D 124 -47.91 11.55 5.20
C LEU D 124 -47.66 12.86 5.97
N GLY D 125 -47.54 13.95 5.22
CA GLY D 125 -47.45 15.28 5.82
C GLY D 125 -46.09 15.71 6.36
N LEU D 126 -45.08 14.88 6.25
CA LEU D 126 -43.73 15.25 6.66
C LEU D 126 -43.29 16.36 5.69
N MET D 127 -42.72 17.44 6.19
CA MET D 127 -42.32 18.54 5.34
C MET D 127 -40.87 18.37 4.91
N GLY D 128 -40.58 18.66 3.64
CA GLY D 128 -39.22 18.57 3.16
C GLY D 128 -38.88 19.78 2.29
N TYR D 129 -37.62 19.83 1.86
CA TYR D 129 -37.12 20.97 1.09
C TYR D 129 -36.59 20.54 -0.26
N VAL D 130 -36.97 21.31 -1.28
CA VAL D 130 -36.42 21.17 -2.61
C VAL D 130 -35.77 22.52 -2.95
N SER D 131 -34.46 22.52 -3.13
CA SER D 131 -33.71 23.67 -3.60
C SER D 131 -33.36 23.41 -5.03
N GLY D 132 -33.19 24.45 -5.83
CA GLY D 132 -32.79 24.28 -7.21
C GLY D 132 -32.47 25.58 -7.94
N PHE D 133 -31.84 25.45 -9.11
CA PHE D 133 -31.58 26.58 -10.01
C PHE D 133 -32.60 26.68 -11.14
N GLY D 134 -33.68 25.91 -11.02
CA GLY D 134 -34.66 25.86 -12.09
C GLY D 134 -35.43 27.15 -12.29
N VAL D 135 -36.36 27.08 -13.23
CA VAL D 135 -37.13 28.24 -13.68
C VAL D 135 -38.14 28.72 -12.63
N MET D 136 -38.39 30.01 -12.57
CA MET D 136 -39.41 30.60 -11.68
C MET D 136 -40.72 30.73 -12.42
N GLU D 137 -41.77 31.18 -11.75
CA GLU D 137 -43.10 31.24 -12.39
C GLU D 137 -43.10 32.11 -13.63
N GLU D 138 -42.39 33.22 -13.60
CA GLU D 138 -42.36 34.18 -14.73
C GLU D 138 -40.94 34.53 -15.27
N LYS D 139 -39.90 33.97 -14.71
CA LYS D 139 -38.54 34.31 -15.18
C LYS D 139 -37.51 33.25 -14.79
N ILE D 140 -36.31 33.37 -15.37
CA ILE D 140 -35.17 32.46 -15.07
C ILE D 140 -34.58 32.80 -13.74
N ALA D 141 -33.96 31.84 -13.06
CA ALA D 141 -33.35 32.10 -11.76
C ALA D 141 -31.83 32.16 -11.90
N HIS D 142 -31.22 33.21 -11.33
CA HIS D 142 -29.76 33.37 -11.40
C HIS D 142 -29.10 33.03 -10.09
N ASP D 143 -29.88 32.52 -9.14
CA ASP D 143 -29.41 32.14 -7.83
C ASP D 143 -30.23 30.92 -7.43
N LEU D 144 -29.69 30.09 -6.51
CA LEU D 144 -30.44 28.99 -5.94
C LEU D 144 -31.67 29.45 -5.20
N ARG D 145 -32.75 28.70 -5.31
CA ARG D 145 -33.97 28.99 -4.56
C ARG D 145 -34.49 27.72 -3.98
N PHE D 146 -35.45 27.85 -3.05
CA PHE D 146 -36.02 26.64 -2.43
C PHE D 146 -37.48 26.81 -2.03
N VAL D 147 -38.12 25.69 -1.91
CA VAL D 147 -39.45 25.63 -1.36
C VAL D 147 -39.49 24.51 -0.34
N ARG D 148 -40.56 24.52 0.42
CA ARG D 148 -40.81 23.58 1.52
C ARG D 148 -42.16 22.92 1.19
N LEU D 149 -42.14 21.62 1.04
CA LEU D 149 -43.31 20.85 0.50
C LEU D 149 -43.66 19.66 1.38
N PRO D 150 -44.97 19.37 1.50
CA PRO D 150 -45.37 18.19 2.25
C PRO D 150 -45.31 16.91 1.40
N VAL D 151 -44.87 15.80 2.03
CA VAL D 151 -45.01 14.50 1.43
C VAL D 151 -46.54 14.25 1.33
N ALA D 152 -46.95 13.74 0.16
CA ALA D 152 -48.37 13.69 -0.18
C ALA D 152 -48.89 12.26 -0.04
N ASN D 153 -50.21 12.12 0.09
CA ASN D 153 -50.82 10.79 0.15
C ASN D 153 -50.81 10.11 -1.23
N PRO D 154 -50.05 9.04 -1.36
CA PRO D 154 -49.96 8.41 -2.68
C PRO D 154 -51.26 7.89 -3.29
N GLN D 155 -52.25 7.59 -2.42
CA GLN D 155 -53.60 7.29 -2.89
C GLN D 155 -54.21 8.50 -3.64
N ALA D 156 -53.92 9.71 -3.12
CA ALA D 156 -54.52 10.92 -3.64
C ALA D 156 -53.83 11.32 -4.94
N CYS D 157 -52.51 11.11 -4.97
CA CYS D 157 -51.70 11.22 -6.20
C CYS D 157 -52.23 10.29 -7.31
N GLU D 158 -52.49 9.04 -6.96
CA GLU D 158 -53.14 8.14 -7.90
C GLU D 158 -54.47 8.66 -8.41
N ASN D 159 -55.32 9.13 -7.49
CA ASN D 159 -56.63 9.72 -7.81
C ASN D 159 -56.53 10.84 -8.80
N TRP D 160 -55.45 11.60 -8.68
CA TRP D 160 -55.26 12.81 -9.47
C TRP D 160 -54.83 12.47 -10.91
N LEU D 161 -53.89 11.52 -11.03
CA LEU D 161 -53.41 11.01 -12.33
C LEU D 161 -54.57 10.40 -13.12
N ARG D 162 -55.43 9.70 -12.39
CA ARG D 162 -56.58 9.02 -12.94
C ARG D 162 -57.66 9.97 -13.43
N GLY D 163 -57.87 11.05 -12.67
CA GLY D 163 -58.78 12.11 -13.05
C GLY D 163 -58.33 12.79 -14.34
N LYS D 164 -57.04 12.70 -14.63
CA LYS D 164 -56.42 13.25 -15.84
C LYS D 164 -56.24 12.19 -16.94
N ASN D 165 -56.64 10.94 -16.65
CA ASN D 165 -56.54 9.85 -17.62
C ASN D 165 -55.12 9.49 -18.06
N ARG D 166 -54.16 9.73 -17.16
CA ARG D 166 -52.76 9.50 -17.45
C ARG D 166 -52.38 8.12 -17.04
N MET D 167 -51.55 7.43 -17.82
CA MET D 167 -51.15 6.05 -17.54
C MET D 167 -49.69 5.96 -17.08
N ASP D 168 -49.17 7.06 -16.57
CA ASP D 168 -47.76 7.11 -16.17
C ASP D 168 -47.44 6.07 -15.11
N VAL D 169 -46.28 5.47 -15.21
CA VAL D 169 -45.87 4.51 -14.19
C VAL D 169 -45.68 5.28 -12.88
N PHE D 170 -46.42 4.86 -11.86
CA PHE D 170 -46.26 5.41 -10.53
C PHE D 170 -46.04 4.24 -9.57
N SER D 171 -44.79 3.94 -9.29
CA SER D 171 -44.40 2.71 -8.63
C SER D 171 -44.04 2.90 -7.16
N GLN D 172 -43.86 1.79 -6.48
CA GLN D 172 -43.39 1.82 -5.11
C GLN D 172 -41.96 2.41 -4.94
N ASN D 173 -41.27 2.60 -6.06
CA ASN D 173 -39.96 3.23 -5.98
C ASN D 173 -40.01 4.75 -6.24
N MET D 174 -41.20 5.31 -6.11
CA MET D 174 -41.41 6.74 -6.25
C MET D 174 -42.33 7.17 -5.14
N PHE D 175 -42.28 8.44 -4.74
CA PHE D 175 -43.32 9.03 -3.90
C PHE D 175 -43.65 10.38 -4.42
N CYS D 176 -44.64 11.05 -3.82
CA CYS D 176 -45.12 12.31 -4.39
C CYS D 176 -45.25 13.35 -3.33
N ALA D 177 -45.05 14.60 -3.69
CA ALA D 177 -45.04 15.71 -2.76
C ALA D 177 -45.77 16.91 -3.34
N GLY D 178 -46.11 17.86 -2.46
CA GLY D 178 -46.84 19.06 -2.84
C GLY D 178 -48.30 18.76 -2.86
N HIS D 179 -49.07 19.63 -3.49
CA HIS D 179 -50.51 19.52 -3.51
C HIS D 179 -51.09 20.43 -4.57
N PRO D 180 -52.11 19.97 -5.32
CA PRO D 180 -52.70 20.76 -6.38
C PRO D 180 -53.11 22.17 -5.96
N SER D 181 -53.36 22.41 -4.67
CA SER D 181 -53.67 23.73 -4.21
C SER D 181 -52.41 24.63 -3.99
N LEU D 182 -51.27 24.01 -3.72
CA LEU D 182 -50.02 24.71 -3.44
C LEU D 182 -49.32 25.21 -4.71
N LYS D 183 -48.81 26.44 -4.66
CA LYS D 183 -48.07 27.00 -5.78
C LYS D 183 -46.69 26.42 -5.85
N GLN D 184 -46.16 26.01 -4.71
CA GLN D 184 -44.78 25.57 -4.64
C GLN D 184 -44.51 24.30 -5.44
N ASP D 185 -43.45 24.33 -6.25
CA ASP D 185 -43.05 23.12 -6.96
C ASP D 185 -41.69 23.29 -7.54
N ALA D 186 -41.16 22.16 -8.02
CA ALA D 186 -39.99 22.12 -8.92
C ALA D 186 -40.43 22.47 -10.33
N CYS D 187 -39.49 23.03 -11.14
CA CYS D 187 -39.75 23.19 -12.58
C CYS D 187 -38.49 22.97 -13.44
N GLN D 188 -38.58 23.24 -14.74
CA GLN D 188 -37.46 23.00 -15.65
C GLN D 188 -36.13 23.58 -15.13
N GLY D 189 -35.17 22.65 -14.94
CA GLY D 189 -33.87 22.95 -14.38
C GLY D 189 -33.67 22.44 -12.98
N ASP D 190 -34.75 22.04 -12.32
CA ASP D 190 -34.66 21.55 -10.94
C ASP D 190 -34.48 20.06 -10.86
N SER D 191 -34.74 19.35 -11.92
CA SER D 191 -34.62 17.90 -11.94
C SER D 191 -33.21 17.44 -11.53
N GLY D 192 -33.15 16.36 -10.74
CA GLY D 192 -31.90 15.83 -10.30
C GLY D 192 -31.52 16.32 -8.93
N GLY D 193 -32.08 17.45 -8.54
CA GLY D 193 -31.95 17.89 -7.16
C GLY D 193 -32.66 16.95 -6.25
N VAL D 194 -32.43 17.09 -4.96
CA VAL D 194 -33.02 16.19 -3.99
C VAL D 194 -34.19 16.79 -3.26
N PHE D 195 -35.08 15.94 -2.79
CA PHE D 195 -36.05 16.35 -1.82
C PHE D 195 -35.40 16.06 -0.48
N ALA D 196 -35.20 17.11 0.34
CA ALA D 196 -34.34 17.00 1.51
C ALA D 196 -35.11 17.15 2.82
N VAL D 197 -35.04 16.13 3.67
CA VAL D 197 -35.75 16.10 4.92
C VAL D 197 -34.77 16.24 6.09
N ARG D 198 -35.07 17.19 6.99
CA ARG D 198 -34.32 17.30 8.24
C ARG D 198 -34.90 16.36 9.25
N ASP D 199 -34.17 15.32 9.57
CA ASP D 199 -34.68 14.31 10.50
C ASP D 199 -35.02 15.00 11.80
N PRO D 200 -36.29 14.93 12.24
CA PRO D 200 -36.61 15.73 13.41
C PRO D 200 -35.89 15.25 14.67
N ASN D 201 -35.57 13.97 14.69
CA ASN D 201 -34.95 13.37 15.90
C ASN D 201 -33.45 13.55 15.99
N THR D 202 -32.86 14.05 14.90
CA THR D 202 -31.41 13.93 14.78
C THR D 202 -30.77 15.23 14.28
N ASP D 203 -31.55 16.05 13.56
CA ASP D 203 -31.07 17.29 12.98
C ASP D 203 -30.10 17.05 11.84
N ARG D 204 -30.02 15.81 11.36
CA ARG D 204 -29.23 15.47 10.18
C ARG D 204 -30.12 15.59 8.98
N TRP D 205 -29.58 16.16 7.91
CA TRP D 205 -30.29 16.39 6.64
C TRP D 205 -30.10 15.17 5.75
N VAL D 206 -31.18 14.75 5.08
CA VAL D 206 -31.20 13.49 4.38
C VAL D 206 -31.91 13.63 3.02
N ALA D 207 -31.29 13.07 1.98
CA ALA D 207 -31.85 13.03 0.63
C ALA D 207 -32.89 11.91 0.52
N THR D 208 -34.18 12.20 0.67
CA THR D 208 -35.18 11.12 0.61
C THR D 208 -35.68 10.90 -0.81
N GLY D 209 -35.56 11.91 -1.69
CA GLY D 209 -35.98 11.74 -3.07
C GLY D 209 -35.15 12.53 -4.08
N ILE D 210 -35.42 12.31 -5.35
CA ILE D 210 -34.79 13.00 -6.43
C ILE D 210 -35.87 13.58 -7.33
N VAL D 211 -35.82 14.87 -7.64
CA VAL D 211 -36.86 15.49 -8.45
C VAL D 211 -36.89 14.75 -9.78
N SER D 212 -38.06 14.16 -10.12
CA SER D 212 -38.10 13.21 -11.24
C SER D 212 -39.09 13.64 -12.32
N TRP D 213 -40.38 13.76 -11.98
CA TRP D 213 -41.39 14.13 -13.01
C TRP D 213 -42.67 14.70 -12.43
N GLY D 214 -43.53 15.17 -13.32
CA GLY D 214 -44.82 15.70 -12.95
C GLY D 214 -45.63 15.99 -14.22
N ILE D 215 -46.74 16.67 -14.02
CA ILE D 215 -47.55 17.18 -15.15
C ILE D 215 -47.57 18.67 -15.04
N GLY D 216 -46.75 19.32 -15.90
CA GLY D 216 -46.59 20.76 -15.82
C GLY D 216 -45.79 21.03 -14.58
N CYS D 217 -45.95 22.21 -14.03
CA CYS D 217 -45.17 22.54 -12.85
C CYS D 217 -46.06 22.88 -11.69
N SER D 218 -46.54 24.10 -11.58
CA SER D 218 -47.19 24.46 -10.32
C SER D 218 -48.48 23.61 -10.12
N ARG D 219 -49.06 23.69 -8.94
CA ARG D 219 -50.47 23.34 -8.78
C ARG D 219 -50.80 21.93 -9.23
N GLY D 220 -49.98 20.97 -8.86
CA GLY D 220 -50.25 19.55 -9.05
C GLY D 220 -49.53 18.81 -7.98
N TYR D 221 -49.22 17.53 -8.21
CA TYR D 221 -48.35 16.75 -7.39
C TYR D 221 -47.09 16.50 -8.15
N GLY D 222 -45.94 16.65 -7.49
CA GLY D 222 -44.68 16.27 -8.10
C GLY D 222 -44.29 14.86 -7.66
N PHE D 223 -43.54 14.17 -8.52
CA PHE D 223 -43.08 12.79 -8.27
C PHE D 223 -41.58 12.70 -8.14
N TYR D 224 -41.15 11.85 -7.20
CA TYR D 224 -39.76 11.82 -6.79
C TYR D 224 -39.28 10.36 -6.61
N THR D 225 -38.01 10.12 -6.97
CA THR D 225 -37.47 8.77 -6.88
C THR D 225 -37.25 8.50 -5.43
N LYS D 226 -37.79 7.38 -4.93
CA LYS D 226 -37.70 7.02 -3.52
C LYS D 226 -36.25 6.60 -3.21
N VAL D 227 -35.43 7.54 -2.78
CA VAL D 227 -34.00 7.25 -2.60
C VAL D 227 -33.79 6.02 -1.75
N LEU D 228 -34.58 5.85 -0.68
CA LEU D 228 -34.45 4.71 0.27
C LEU D 228 -34.38 3.37 -0.46
N ASN D 229 -35.14 3.21 -1.52
CA ASN D 229 -35.15 1.96 -2.25
C ASN D 229 -33.91 1.71 -3.11
N TYR D 230 -33.06 2.73 -3.27
CA TYR D 230 -31.78 2.51 -4.00
C TYR D 230 -30.51 2.61 -3.11
N VAL D 231 -30.66 2.73 -1.79
CA VAL D 231 -29.51 3.01 -0.95
C VAL D 231 -28.41 1.94 -1.06
N ASP D 232 -28.81 0.66 -1.25
CA ASP D 232 -27.86 -0.41 -1.42
C ASP D 232 -27.14 -0.26 -2.75
N TRP D 233 -27.91 0.05 -3.78
CA TRP D 233 -27.33 0.22 -5.08
C TRP D 233 -26.35 1.43 -5.10
N ILE D 234 -26.74 2.50 -4.44
CA ILE D 234 -25.88 3.65 -4.32
C ILE D 234 -24.58 3.26 -3.60
N LYS D 235 -24.74 2.63 -2.42
CA LYS D 235 -23.58 2.21 -1.60
C LYS D 235 -22.64 1.27 -2.41
N LYS D 236 -23.19 0.40 -3.21
CA LYS D 236 -22.42 -0.57 -3.98
C LYS D 236 -21.59 0.08 -5.08
N GLU D 237 -22.13 1.15 -5.66
CA GLU D 237 -21.39 1.95 -6.66
C GLU D 237 -20.32 2.82 -6.02
N MET D 238 -20.55 3.28 -4.81
CA MET D 238 -19.55 4.04 -4.06
C MET D 238 -18.47 3.16 -3.40
N GLU D 239 -18.66 1.86 -3.41
CA GLU D 239 -17.76 0.89 -2.77
C GLU D 239 -16.37 0.94 -3.43
N GLU D 240 -15.37 1.34 -2.66
CA GLU D 240 -14.06 1.74 -3.16
C GLU D 240 -12.92 1.05 -2.37
C1 GOL E . -6.80 17.93 -18.97
O1 GOL E . -8.13 18.22 -18.64
C2 GOL E . -5.97 17.79 -17.70
O2 GOL E . -5.96 19.05 -17.01
C3 GOL E . -6.51 16.71 -16.79
O3 GOL E . -6.61 15.46 -17.50
C1 GOL F . 14.26 -21.38 0.00
O1 GOL F . 12.91 -21.27 0.36
C2 GOL F . 14.78 -19.98 -0.34
O2 GOL F . 16.20 -20.03 -0.25
C3 GOL F . 14.31 -19.62 -1.73
O3 GOL F . 14.82 -18.36 -2.13
C1 GOL G . 17.85 -45.37 21.82
O1 GOL G . 16.95 -44.32 22.14
C2 GOL G . 17.13 -46.32 20.91
O2 GOL G . 16.80 -45.66 19.73
C3 GOL G . 18.03 -47.51 20.59
O3 GOL G . 17.28 -48.57 20.07
C1 GOL H . 36.13 -14.00 20.13
O1 GOL H . 37.11 -14.08 19.09
C2 GOL H . 35.56 -12.57 20.17
O2 GOL H . 36.60 -11.63 20.31
C3 GOL H . 34.59 -12.39 21.35
O3 GOL H . 33.49 -11.56 20.95
C1 GOL I . 22.21 -0.30 17.08
O1 GOL I . 21.63 -1.38 17.77
C2 GOL I . 21.40 -0.04 15.80
O2 GOL I . 20.12 0.46 16.15
C3 GOL I . 22.12 1.04 14.96
O3 GOL I . 21.75 0.95 13.62
C1 GOL J . -22.19 9.49 2.38
O1 GOL J . -23.05 10.62 2.47
C2 GOL J . -20.80 10.04 2.62
O2 GOL J . -20.76 10.66 3.87
C3 GOL J . -19.71 8.97 2.45
O3 GOL J . -18.42 9.44 2.77
C1 GOL K . -51.80 1.72 -14.53
O1 GOL K . -52.53 1.66 -15.72
C2 GOL K . -50.44 2.26 -14.94
O2 GOL K . -49.61 2.21 -13.81
C3 GOL K . -49.87 1.38 -16.02
O3 GOL K . -48.46 1.42 -15.98
#